data_1I4C
# 
_entry.id   1I4C 
# 
_audit_conform.dict_name       mmcif_pdbx.dic 
_audit_conform.dict_version    5.392 
_audit_conform.dict_location   http://mmcif.pdb.org/dictionaries/ascii/mmcif_pdbx.dic 
# 
loop_
_database_2.database_id 
_database_2.database_code 
_database_2.pdbx_database_accession 
_database_2.pdbx_DOI 
PDB   1I4C         pdb_00001i4c 10.2210/pdb1i4c/pdb 
RCSB  RCSB012887   ?            ?                   
WWPDB D_1000012887 ?            ?                   
# 
loop_
_pdbx_audit_revision_history.ordinal 
_pdbx_audit_revision_history.data_content_type 
_pdbx_audit_revision_history.major_revision 
_pdbx_audit_revision_history.minor_revision 
_pdbx_audit_revision_history.revision_date 
1 'Structure model' 1 0 2001-04-21 
2 'Structure model' 1 1 2008-04-27 
3 'Structure model' 1 2 2011-07-13 
4 'Structure model' 2 0 2022-02-23 
5 'Structure model' 2 1 2024-05-22 
# 
_pdbx_audit_revision_details.ordinal             1 
_pdbx_audit_revision_details.revision_ordinal    1 
_pdbx_audit_revision_details.data_content_type   'Structure model' 
_pdbx_audit_revision_details.provider            repository 
_pdbx_audit_revision_details.type                'Initial release' 
_pdbx_audit_revision_details.description         ? 
_pdbx_audit_revision_details.details             ? 
# 
loop_
_pdbx_audit_revision_group.ordinal 
_pdbx_audit_revision_group.revision_ordinal 
_pdbx_audit_revision_group.data_content_type 
_pdbx_audit_revision_group.group 
1 2 'Structure model' 'Version format compliance' 
2 3 'Structure model' 'Version format compliance' 
3 4 'Structure model' 'Atomic model'              
4 4 'Structure model' 'Data collection'           
5 4 'Structure model' 'Database references'       
6 4 'Structure model' 'Derived calculations'      
7 5 'Structure model' 'Data collection'           
# 
loop_
_pdbx_audit_revision_category.ordinal 
_pdbx_audit_revision_category.revision_ordinal 
_pdbx_audit_revision_category.data_content_type 
_pdbx_audit_revision_category.category 
1 4 'Structure model' atom_site             
2 4 'Structure model' database_2            
3 4 'Structure model' pdbx_nmr_software     
4 4 'Structure model' pdbx_nmr_spectrometer 
5 4 'Structure model' pdbx_struct_assembly  
6 4 'Structure model' pdbx_struct_oper_list 
7 5 'Structure model' chem_comp_atom        
8 5 'Structure model' chem_comp_bond        
# 
loop_
_pdbx_audit_revision_item.ordinal 
_pdbx_audit_revision_item.revision_ordinal 
_pdbx_audit_revision_item.data_content_type 
_pdbx_audit_revision_item.item 
1  4 'Structure model' '_atom_site.B_iso_or_equiv'           
2  4 'Structure model' '_atom_site.Cartn_x'                  
3  4 'Structure model' '_atom_site.Cartn_y'                  
4  4 'Structure model' '_atom_site.Cartn_z'                  
5  4 'Structure model' '_atom_site.auth_atom_id'             
6  4 'Structure model' '_atom_site.label_atom_id'            
7  4 'Structure model' '_database_2.pdbx_DOI'                
8  4 'Structure model' '_database_2.pdbx_database_accession' 
9  4 'Structure model' '_pdbx_nmr_software.name'             
10 4 'Structure model' '_pdbx_nmr_spectrometer.model'        
# 
_database_PDB_caveat.id     1 
_database_PDB_caveat.text   'incorrect carbon chiral center(s)' 
# 
_pdbx_database_status.status_code                     REL 
_pdbx_database_status.entry_id                        1I4C 
_pdbx_database_status.recvd_initial_deposition_date   2001-02-20 
_pdbx_database_status.deposit_site                    RCSB 
_pdbx_database_status.process_site                    RCSB 
_pdbx_database_status.status_code_mr                  REL 
_pdbx_database_status.SG_entry                        . 
_pdbx_database_status.pdb_format_compatible           Y 
_pdbx_database_status.status_code_sf                  ? 
_pdbx_database_status.status_code_cs                  ? 
_pdbx_database_status.status_code_nmr_data            ? 
_pdbx_database_status.methods_development_category    ? 
# 
loop_
_pdbx_database_related.db_name 
_pdbx_database_related.db_id 
_pdbx_database_related.details 
_pdbx_database_related.content_type 
PDB 1ESH 
;the solution structure of the wild type stem loop C 5'AUA3' triloop of Brome Mosaic Virus (+) RNA.
;
unspecified 
PDB 1I46 
;the solution structure of the mutant stem loop C 5'GUA3' triloop of Brome Mosaic Virus (+) RNA
;
unspecified 
PDB 1I4B 
;the solution structure of the major family of the mutant stem loop C 5'UUA3' triloop of Brome Mosaic Virus (+) RNA
;
unspecified 
# 
loop_
_audit_author.name 
_audit_author.pdbx_ordinal 
'Tinoco Jr., I.' 1 
'Kim, C.-H.'     2 
# 
loop_
_citation.id 
_citation.title 
_citation.journal_abbrev 
_citation.journal_volume 
_citation.page_first 
_citation.page_last 
_citation.year 
_citation.journal_id_ASTM 
_citation.country 
_citation.journal_id_ISSN 
_citation.journal_id_CSD 
_citation.book_publisher 
_citation.pdbx_database_id_PubMed 
_citation.pdbx_database_id_DOI 
primary 
'Structural and thermodynamic studies on mutant RNA motifs that impair the specificity between a viral replicase and its promoter.' 
J.Mol.Biol.      307 827 839 2001 JMOBAK UK 0022-2836 0070 ? 11273704 10.1006/jmbi.2001.4497 
1       'RNA motifs that determine specificity between a viral replicase and its promoter' Nat.Struct.Biol. 7   415 423 2000 
NSBIEW US 1072-8368 2024 ? ?        10.1038/75202          
# 
loop_
_citation_author.citation_id 
_citation_author.name 
_citation_author.ordinal 
_citation_author.identifier_ORCID 
primary 'Kim, C.H.'      1 ? 
primary 'Tinoco Jr., I.' 2 ? 
1       'Kao, C.C.'      3 ? 
# 
_entity.id                         1 
_entity.type                       polymer 
_entity.src_method                 syn 
_entity.pdbx_description           
;RNA (5'-R(*GP*GP*UP*GP*CP*UP*UP*AP*GP*CP*AP*CP*C)-3')
;
_entity.formula_weight             4133.501 
_entity.pdbx_number_of_molecules   1 
_entity.pdbx_ec                    ? 
_entity.pdbx_mutation              ? 
_entity.pdbx_fragment              ? 
_entity.details                    
;THE MINOR STRUCTURAL FAMILY OF 5'UUA3' MUTANT TRILOOP.
;
# 
_entity_poly.entity_id                      1 
_entity_poly.type                           polyribonucleotide 
_entity_poly.nstd_linkage                   no 
_entity_poly.nstd_monomer                   no 
_entity_poly.pdbx_seq_one_letter_code       GGUGCUUAGCACC 
_entity_poly.pdbx_seq_one_letter_code_can   GGUGCUUAGCACC 
_entity_poly.pdbx_strand_id                 A 
_entity_poly.pdbx_target_identifier         ? 
# 
loop_
_entity_poly_seq.entity_id 
_entity_poly_seq.num 
_entity_poly_seq.mon_id 
_entity_poly_seq.hetero 
1 1  G n 
1 2  G n 
1 3  U n 
1 4  G n 
1 5  C n 
1 6  U n 
1 7  U n 
1 8  A n 
1 9  G n 
1 10 C n 
1 11 A n 
1 12 C n 
1 13 C n 
# 
_pdbx_entity_src_syn.entity_id              1 
_pdbx_entity_src_syn.pdbx_src_id            1 
_pdbx_entity_src_syn.pdbx_alt_source_flag   sample 
_pdbx_entity_src_syn.pdbx_beg_seq_num       ? 
_pdbx_entity_src_syn.pdbx_end_seq_num       ? 
_pdbx_entity_src_syn.organism_scientific    ? 
_pdbx_entity_src_syn.organism_common_name   ? 
_pdbx_entity_src_syn.ncbi_taxonomy_id       ? 
_pdbx_entity_src_syn.details                
'This sequence is a mutant triloop of which wild type sequence is naturally occured in BMV (+) strand RNA' 
# 
loop_
_chem_comp.id 
_chem_comp.type 
_chem_comp.mon_nstd_flag 
_chem_comp.name 
_chem_comp.pdbx_synonyms 
_chem_comp.formula 
_chem_comp.formula_weight 
A 'RNA linking' y "ADENOSINE-5'-MONOPHOSPHATE" ? 'C10 H14 N5 O7 P' 347.221 
C 'RNA linking' y "CYTIDINE-5'-MONOPHOSPHATE"  ? 'C9 H14 N3 O8 P'  323.197 
G 'RNA linking' y "GUANOSINE-5'-MONOPHOSPHATE" ? 'C10 H14 N5 O8 P' 363.221 
U 'RNA linking' y "URIDINE-5'-MONOPHOSPHATE"   ? 'C9 H13 N2 O9 P'  324.181 
# 
loop_
_pdbx_poly_seq_scheme.asym_id 
_pdbx_poly_seq_scheme.entity_id 
_pdbx_poly_seq_scheme.seq_id 
_pdbx_poly_seq_scheme.mon_id 
_pdbx_poly_seq_scheme.ndb_seq_num 
_pdbx_poly_seq_scheme.pdb_seq_num 
_pdbx_poly_seq_scheme.auth_seq_num 
_pdbx_poly_seq_scheme.pdb_mon_id 
_pdbx_poly_seq_scheme.auth_mon_id 
_pdbx_poly_seq_scheme.pdb_strand_id 
_pdbx_poly_seq_scheme.pdb_ins_code 
_pdbx_poly_seq_scheme.hetero 
A 1 1  G 1  1  1  G G A . n 
A 1 2  G 2  2  2  G G A . n 
A 1 3  U 3  3  3  U U A . n 
A 1 4  G 4  4  4  G G A . n 
A 1 5  C 5  5  5  C C A . n 
A 1 6  U 6  6  6  U U A . n 
A 1 7  U 7  7  7  U U A . n 
A 1 8  A 8  8  8  A A A . n 
A 1 9  G 9  9  9  G G A . n 
A 1 10 C 10 10 10 C C A . n 
A 1 11 A 11 11 11 A A A . n 
A 1 12 C 12 12 12 C C A . n 
A 1 13 C 13 13 13 C C A . n 
# 
_cell.entry_id           1I4C 
_cell.length_a           1.000 
_cell.length_b           1.000 
_cell.length_c           1.000 
_cell.angle_alpha        90.00 
_cell.angle_beta         90.00 
_cell.angle_gamma        90.00 
_cell.Z_PDB              1 
_cell.pdbx_unique_axis   ? 
# 
_symmetry.entry_id                         1I4C 
_symmetry.space_group_name_H-M             'P 1' 
_symmetry.pdbx_full_space_group_name_H-M   ? 
_symmetry.cell_setting                     ? 
_symmetry.Int_Tables_number                1 
# 
_exptl.entry_id          1I4C 
_exptl.method            'SOLUTION NMR' 
_exptl.crystals_number   ? 
# 
_struct.entry_id                  1I4C 
_struct.title                     
;THE SOLUTION STRUCTURE OF THE MINOR FAMILY OF THE MUTANT STEM LOOP C 5'UUA3' TRILOOP OF BROME MOSAIC VIRUS (+) STRAND RNA
;
_struct.pdbx_model_details        ? 
_struct.pdbx_CASP_flag            ? 
_struct.pdbx_model_type_details   'minimized average' 
# 
_struct_keywords.entry_id        1I4C 
_struct_keywords.pdbx_keywords   RNA 
_struct_keywords.text            'RNA, Stem-loop, Triloop, replication, BMV, Virus' 
# 
_struct_asym.id                            A 
_struct_asym.pdbx_blank_PDB_chainid_flag   N 
_struct_asym.pdbx_modified                 N 
_struct_asym.entity_id                     1 
_struct_asym.details                       ? 
# 
_struct_ref.id                         1 
_struct_ref.entity_id                  1 
_struct_ref.db_name                    PDB 
_struct_ref.db_code                    1I4C 
_struct_ref.pdbx_db_accession          1I4C 
_struct_ref.pdbx_db_isoform            ? 
_struct_ref.pdbx_seq_one_letter_code   ? 
_struct_ref.pdbx_align_begin           ? 
# 
_struct_ref_seq.align_id                      1 
_struct_ref_seq.ref_id                        1 
_struct_ref_seq.pdbx_PDB_id_code              1I4C 
_struct_ref_seq.pdbx_strand_id                A 
_struct_ref_seq.seq_align_beg                 1 
_struct_ref_seq.pdbx_seq_align_beg_ins_code   ? 
_struct_ref_seq.seq_align_end                 13 
_struct_ref_seq.pdbx_seq_align_end_ins_code   ? 
_struct_ref_seq.pdbx_db_accession             1I4C 
_struct_ref_seq.db_align_beg                  1 
_struct_ref_seq.pdbx_db_align_beg_ins_code    ? 
_struct_ref_seq.db_align_end                  13 
_struct_ref_seq.pdbx_db_align_end_ins_code    ? 
_struct_ref_seq.pdbx_auth_seq_align_beg       1 
_struct_ref_seq.pdbx_auth_seq_align_end       13 
# 
_pdbx_struct_assembly.id                   1 
_pdbx_struct_assembly.details              author_defined_assembly 
_pdbx_struct_assembly.method_details       ? 
_pdbx_struct_assembly.oligomeric_details   monomeric 
_pdbx_struct_assembly.oligomeric_count     1 
# 
_pdbx_struct_assembly_gen.assembly_id       1 
_pdbx_struct_assembly_gen.oper_expression   1 
_pdbx_struct_assembly_gen.asym_id_list      A 
# 
_pdbx_struct_oper_list.id                   1 
_pdbx_struct_oper_list.type                 'identity operation' 
_pdbx_struct_oper_list.name                 1_555 
_pdbx_struct_oper_list.symmetry_operation   x,y,z 
_pdbx_struct_oper_list.matrix[1][1]         1.0000000000 
_pdbx_struct_oper_list.matrix[1][2]         0.0000000000 
_pdbx_struct_oper_list.matrix[1][3]         0.0000000000 
_pdbx_struct_oper_list.vector[1]            0.0000000000 
_pdbx_struct_oper_list.matrix[2][1]         0.0000000000 
_pdbx_struct_oper_list.matrix[2][2]         1.0000000000 
_pdbx_struct_oper_list.matrix[2][3]         0.0000000000 
_pdbx_struct_oper_list.vector[2]            0.0000000000 
_pdbx_struct_oper_list.matrix[3][1]         0.0000000000 
_pdbx_struct_oper_list.matrix[3][2]         0.0000000000 
_pdbx_struct_oper_list.matrix[3][3]         1.0000000000 
_pdbx_struct_oper_list.vector[3]            0.0000000000 
# 
_struct_biol.id   1 
# 
loop_
_struct_conn.id 
_struct_conn.conn_type_id 
_struct_conn.pdbx_leaving_atom_flag 
_struct_conn.pdbx_PDB_id 
_struct_conn.ptnr1_label_asym_id 
_struct_conn.ptnr1_label_comp_id 
_struct_conn.ptnr1_label_seq_id 
_struct_conn.ptnr1_label_atom_id 
_struct_conn.pdbx_ptnr1_label_alt_id 
_struct_conn.pdbx_ptnr1_PDB_ins_code 
_struct_conn.pdbx_ptnr1_standard_comp_id 
_struct_conn.ptnr1_symmetry 
_struct_conn.ptnr2_label_asym_id 
_struct_conn.ptnr2_label_comp_id 
_struct_conn.ptnr2_label_seq_id 
_struct_conn.ptnr2_label_atom_id 
_struct_conn.pdbx_ptnr2_label_alt_id 
_struct_conn.pdbx_ptnr2_PDB_ins_code 
_struct_conn.ptnr1_auth_asym_id 
_struct_conn.ptnr1_auth_comp_id 
_struct_conn.ptnr1_auth_seq_id 
_struct_conn.ptnr2_auth_asym_id 
_struct_conn.ptnr2_auth_comp_id 
_struct_conn.ptnr2_auth_seq_id 
_struct_conn.ptnr2_symmetry 
_struct_conn.pdbx_ptnr3_label_atom_id 
_struct_conn.pdbx_ptnr3_label_seq_id 
_struct_conn.pdbx_ptnr3_label_comp_id 
_struct_conn.pdbx_ptnr3_label_asym_id 
_struct_conn.pdbx_ptnr3_label_alt_id 
_struct_conn.pdbx_ptnr3_PDB_ins_code 
_struct_conn.details 
_struct_conn.pdbx_dist_value 
_struct_conn.pdbx_value_order 
_struct_conn.pdbx_role 
hydrog1  hydrog ? ? A G 1 N1 ? ? ? 1_555 A C 13 N3 ? ? A G 1 A C 13 1_555 ? ? ? ? ? ? WATSON-CRICK ? ? ? 
hydrog2  hydrog ? ? A G 1 N2 ? ? ? 1_555 A C 13 O2 ? ? A G 1 A C 13 1_555 ? ? ? ? ? ? WATSON-CRICK ? ? ? 
hydrog3  hydrog ? ? A G 1 O6 ? ? ? 1_555 A C 13 N4 ? ? A G 1 A C 13 1_555 ? ? ? ? ? ? WATSON-CRICK ? ? ? 
hydrog4  hydrog ? ? A G 2 N1 ? ? ? 1_555 A C 12 N3 ? ? A G 2 A C 12 1_555 ? ? ? ? ? ? WATSON-CRICK ? ? ? 
hydrog5  hydrog ? ? A G 2 N2 ? ? ? 1_555 A C 12 O2 ? ? A G 2 A C 12 1_555 ? ? ? ? ? ? WATSON-CRICK ? ? ? 
hydrog6  hydrog ? ? A G 2 O6 ? ? ? 1_555 A C 12 N4 ? ? A G 2 A C 12 1_555 ? ? ? ? ? ? WATSON-CRICK ? ? ? 
hydrog7  hydrog ? ? A U 3 N3 ? ? ? 1_555 A A 11 N1 ? ? A U 3 A A 11 1_555 ? ? ? ? ? ? WATSON-CRICK ? ? ? 
hydrog8  hydrog ? ? A U 3 O4 ? ? ? 1_555 A A 11 N6 ? ? A U 3 A A 11 1_555 ? ? ? ? ? ? WATSON-CRICK ? ? ? 
hydrog9  hydrog ? ? A G 4 N1 ? ? ? 1_555 A C 10 N3 ? ? A G 4 A C 10 1_555 ? ? ? ? ? ? WATSON-CRICK ? ? ? 
hydrog10 hydrog ? ? A G 4 N2 ? ? ? 1_555 A C 10 O2 ? ? A G 4 A C 10 1_555 ? ? ? ? ? ? WATSON-CRICK ? ? ? 
hydrog11 hydrog ? ? A G 4 O6 ? ? ? 1_555 A C 10 N4 ? ? A G 4 A C 10 1_555 ? ? ? ? ? ? WATSON-CRICK ? ? ? 
hydrog12 hydrog ? ? A C 5 N3 ? ? ? 1_555 A G 9  N1 ? ? A C 5 A G 9  1_555 ? ? ? ? ? ? WATSON-CRICK ? ? ? 
hydrog13 hydrog ? ? A C 5 N4 ? ? ? 1_555 A G 9  O6 ? ? A C 5 A G 9  1_555 ? ? ? ? ? ? WATSON-CRICK ? ? ? 
hydrog14 hydrog ? ? A C 5 O2 ? ? ? 1_555 A G 9  N2 ? ? A C 5 A G 9  1_555 ? ? ? ? ? ? WATSON-CRICK ? ? ? 
# 
_struct_conn_type.id          hydrog 
_struct_conn_type.criteria    ? 
_struct_conn_type.reference   ? 
# 
loop_
_pdbx_validate_close_contact.id 
_pdbx_validate_close_contact.PDB_model_num 
_pdbx_validate_close_contact.auth_atom_id_1 
_pdbx_validate_close_contact.auth_asym_id_1 
_pdbx_validate_close_contact.auth_comp_id_1 
_pdbx_validate_close_contact.auth_seq_id_1 
_pdbx_validate_close_contact.PDB_ins_code_1 
_pdbx_validate_close_contact.label_alt_id_1 
_pdbx_validate_close_contact.auth_atom_id_2 
_pdbx_validate_close_contact.auth_asym_id_2 
_pdbx_validate_close_contact.auth_comp_id_2 
_pdbx_validate_close_contact.auth_seq_id_2 
_pdbx_validate_close_contact.PDB_ins_code_2 
_pdbx_validate_close_contact.label_alt_id_2 
_pdbx_validate_close_contact.dist 
1 1 "HO2'" A A 11 ? ? "O4'" A C 12 ? ? 1.52 
2 1 "HO2'" A G 9  ? ? OP1   A C 10 ? ? 1.59 
# 
loop_
_pdbx_validate_rmsd_bond.id 
_pdbx_validate_rmsd_bond.PDB_model_num 
_pdbx_validate_rmsd_bond.auth_atom_id_1 
_pdbx_validate_rmsd_bond.auth_asym_id_1 
_pdbx_validate_rmsd_bond.auth_comp_id_1 
_pdbx_validate_rmsd_bond.auth_seq_id_1 
_pdbx_validate_rmsd_bond.PDB_ins_code_1 
_pdbx_validate_rmsd_bond.label_alt_id_1 
_pdbx_validate_rmsd_bond.auth_atom_id_2 
_pdbx_validate_rmsd_bond.auth_asym_id_2 
_pdbx_validate_rmsd_bond.auth_comp_id_2 
_pdbx_validate_rmsd_bond.auth_seq_id_2 
_pdbx_validate_rmsd_bond.PDB_ins_code_2 
_pdbx_validate_rmsd_bond.label_alt_id_2 
_pdbx_validate_rmsd_bond.bond_value 
_pdbx_validate_rmsd_bond.bond_target_value 
_pdbx_validate_rmsd_bond.bond_deviation 
_pdbx_validate_rmsd_bond.bond_standard_deviation 
_pdbx_validate_rmsd_bond.linker_flag 
1 1 "O5'" A G 1  ? ? "C5'" A G 1  ? ? 19.616 1.440 18.176 0.016 N 
2 1 "C4'" A G 1  ? ? "C3'" A G 1  ? ? 20.136 1.527 18.609 0.011 N 
3 1 "C2'" A G 1  ? ? "C1'" A G 1  ? ? 20.352 1.529 18.823 0.011 N 
4 1 "C1'" A G 1  ? ? N9    A G 1  ? ? 20.417 1.483 18.934 0.015 N 
5 1 "C2'" A G 1  ? ? "O2'" A G 1  ? ? 20.274 1.420 18.854 0.010 N 
6 1 P     A C 10 ? ? OP2   A C 10 ? ? 19.573 1.485 18.088 0.017 N 
7 1 "O3'" A C 13 ? ? "C3'" A C 13 ? ? 20.432 1.427 19.005 0.012 N 
8 1 "C2'" A C 13 ? ? "O2'" A C 13 ? ? 19.673 1.420 18.253 0.010 N 
# 
loop_
_pdbx_validate_rmsd_angle.id 
_pdbx_validate_rmsd_angle.PDB_model_num 
_pdbx_validate_rmsd_angle.auth_atom_id_1 
_pdbx_validate_rmsd_angle.auth_asym_id_1 
_pdbx_validate_rmsd_angle.auth_comp_id_1 
_pdbx_validate_rmsd_angle.auth_seq_id_1 
_pdbx_validate_rmsd_angle.PDB_ins_code_1 
_pdbx_validate_rmsd_angle.label_alt_id_1 
_pdbx_validate_rmsd_angle.auth_atom_id_2 
_pdbx_validate_rmsd_angle.auth_asym_id_2 
_pdbx_validate_rmsd_angle.auth_comp_id_2 
_pdbx_validate_rmsd_angle.auth_seq_id_2 
_pdbx_validate_rmsd_angle.PDB_ins_code_2 
_pdbx_validate_rmsd_angle.label_alt_id_2 
_pdbx_validate_rmsd_angle.auth_atom_id_3 
_pdbx_validate_rmsd_angle.auth_asym_id_3 
_pdbx_validate_rmsd_angle.auth_comp_id_3 
_pdbx_validate_rmsd_angle.auth_seq_id_3 
_pdbx_validate_rmsd_angle.PDB_ins_code_3 
_pdbx_validate_rmsd_angle.label_alt_id_3 
_pdbx_validate_rmsd_angle.angle_value 
_pdbx_validate_rmsd_angle.angle_target_value 
_pdbx_validate_rmsd_angle.angle_deviation 
_pdbx_validate_rmsd_angle.angle_standard_deviation 
_pdbx_validate_rmsd_angle.linker_flag 
1  1 "O5'" A G 1  ? ? "C5'" A G 1  ? ? "C4'" A G 1  ? ? 101.07 109.40 -8.33   0.80 N 
2  1 "C5'" A G 1  ? ? "C4'" A G 1  ? ? "C3'" A G 1  ? ? 82.33  115.20 -32.87  1.40 N 
3  1 "C4'" A G 1  ? ? "C3'" A G 1  ? ? "O3'" A G 1  ? ? 95.95  109.40 -13.45  2.10 N 
4  1 "C3'" A G 1  ? ? "C2'" A G 1  ? ? "C1'" A G 1  ? ? 80.29  101.30 -21.01  0.70 N 
5  1 N9    A G 1  ? ? "C1'" A G 1  ? ? "C2'" A G 1  ? ? 7.01   112.00 -104.99 1.10 N 
6  1 "C1'" A G 1  ? ? "C2'" A G 1  ? ? "O2'" A G 1  ? ? 6.86   110.60 -103.74 3.00 N 
7  1 "C3'" A G 1  ? ? "C2'" A G 1  ? ? "O2'" A G 1  ? ? 80.75  113.30 -32.55  2.90 N 
8  1 C8    A G 1  ? ? N9    A G 1  ? ? "C1'" A G 1  ? ? 72.58  127.00 -54.42  1.30 N 
9  1 C4    A G 1  ? ? N9    A G 1  ? ? "C1'" A G 1  ? ? 74.64  126.50 -51.86  1.30 N 
10 1 "O3'" A G 9  ? ? P     A C 10 ? ? OP2   A C 10 ? ? 44.84  105.20 -60.36  2.20 Y 
11 1 OP1   A C 10 ? ? P     A C 10 ? ? OP2   A C 10 ? ? 85.22  119.60 -34.38  1.50 N 
12 1 "O5'" A C 10 ? ? P     A C 10 ? ? OP2   A C 10 ? ? 74.12  105.70 -31.58  0.90 N 
13 1 "C4'" A C 13 ? ? "C3'" A C 13 ? ? "O3'" A C 13 ? ? 26.59  109.40 -82.81  2.10 N 
14 1 "C2'" A C 13 ? ? "C3'" A C 13 ? ? "O3'" A C 13 ? ? 87.86  109.50 -21.64  2.20 N 
15 1 "C1'" A C 13 ? ? "C2'" A C 13 ? ? "O2'" A C 13 ? ? 12.14  110.60 -98.46  3.00 N 
16 1 "C3'" A C 13 ? ? "C2'" A C 13 ? ? "O2'" A C 13 ? ? 94.90  113.30 -18.40  2.90 N 
# 
loop_
_pdbx_validate_chiral.id 
_pdbx_validate_chiral.PDB_model_num 
_pdbx_validate_chiral.auth_atom_id 
_pdbx_validate_chiral.label_alt_id 
_pdbx_validate_chiral.auth_asym_id 
_pdbx_validate_chiral.auth_comp_id 
_pdbx_validate_chiral.auth_seq_id 
_pdbx_validate_chiral.PDB_ins_code 
_pdbx_validate_chiral.details 
_pdbx_validate_chiral.omega 
1 1 "C4'" ? A G 1  ? 'WRONG HAND' . 
2 1 "C3'" ? A G 1  ? 'WRONG HAND' . 
3 1 "C2'" ? A G 1  ? 'WRONG HAND' . 
4 1 "C1'" ? A G 1  ? 'WRONG HAND' . 
5 1 "C3'" ? A C 13 ? 'WRONG HAND' . 
# 
_pdbx_validate_planes.id              1 
_pdbx_validate_planes.PDB_model_num   1 
_pdbx_validate_planes.auth_comp_id    G 
_pdbx_validate_planes.auth_asym_id    A 
_pdbx_validate_planes.auth_seq_id     1 
_pdbx_validate_planes.PDB_ins_code    ? 
_pdbx_validate_planes.label_alt_id    ? 
_pdbx_validate_planes.rmsd            1.088 
_pdbx_validate_planes.type            'SIDE CHAIN' 
# 
_pdbx_nmr_ensemble.entry_id                             1I4C 
_pdbx_nmr_ensemble.conformers_calculated_total_number   ? 
_pdbx_nmr_ensemble.conformers_submitted_total_number    1 
_pdbx_nmr_ensemble.conformer_selection_criteria         ? 
# 
_pdbx_nmr_representative.entry_id             1I4C 
_pdbx_nmr_representative.conformer_id         1 
_pdbx_nmr_representative.selection_criteria   'minimized average structure' 
# 
_pdbx_nmr_sample_details.solution_id      1 
_pdbx_nmr_sample_details.contents         
;2mM 5'UUA3' triloop, unlabeled, 5mM Sodium Phosphate buffer pH 6.5
;
_pdbx_nmr_sample_details.solvent_system   '90% H2O/10% D2O' 
# 
_pdbx_nmr_exptl_sample_conditions.conditions_id       1 
_pdbx_nmr_exptl_sample_conditions.temperature         283 
_pdbx_nmr_exptl_sample_conditions.pressure            ambient 
_pdbx_nmr_exptl_sample_conditions.pH                  6.5 
_pdbx_nmr_exptl_sample_conditions.ionic_strength      '5mM NaCl' 
_pdbx_nmr_exptl_sample_conditions.pressure_units      ? 
_pdbx_nmr_exptl_sample_conditions.temperature_units   K 
# 
loop_
_pdbx_nmr_exptl.experiment_id 
_pdbx_nmr_exptl.solution_id 
_pdbx_nmr_exptl.conditions_id 
_pdbx_nmr_exptl.type 
1 1 1 '2D NOESY' 
2 1 1 DQF-COSY   
# 
_pdbx_nmr_refine.entry_id           1I4C 
_pdbx_nmr_refine.method             'simulated annealing' 
_pdbx_nmr_refine.details            ? 
_pdbx_nmr_refine.software_ordinal   1 
# 
loop_
_pdbx_nmr_software.name 
_pdbx_nmr_software.version 
_pdbx_nmr_software.classification 
_pdbx_nmr_software.authors 
_pdbx_nmr_software.ordinal 
Felix  95  'data analysis'      ?             1 
X-PLOR 3.1 'structure solution' 'Brunger, A.' 2 
X-PLOR 3.1 refinement           'Brunger, A.' 3 
# 
loop_
_chem_comp_atom.comp_id 
_chem_comp_atom.atom_id 
_chem_comp_atom.type_symbol 
_chem_comp_atom.pdbx_aromatic_flag 
_chem_comp_atom.pdbx_stereo_config 
_chem_comp_atom.pdbx_ordinal 
A OP3    O N N 1   
A P      P N N 2   
A OP1    O N N 3   
A OP2    O N N 4   
A "O5'"  O N N 5   
A "C5'"  C N N 6   
A "C4'"  C N R 7   
A "O4'"  O N N 8   
A "C3'"  C N S 9   
A "O3'"  O N N 10  
A "C2'"  C N R 11  
A "O2'"  O N N 12  
A "C1'"  C N R 13  
A N9     N Y N 14  
A C8     C Y N 15  
A N7     N Y N 16  
A C5     C Y N 17  
A C6     C Y N 18  
A N6     N N N 19  
A N1     N Y N 20  
A C2     C Y N 21  
A N3     N Y N 22  
A C4     C Y N 23  
A HOP3   H N N 24  
A HOP2   H N N 25  
A "H5'"  H N N 26  
A "H5''" H N N 27  
A "H4'"  H N N 28  
A "H3'"  H N N 29  
A "HO3'" H N N 30  
A "H2'"  H N N 31  
A "HO2'" H N N 32  
A "H1'"  H N N 33  
A H8     H N N 34  
A H61    H N N 35  
A H62    H N N 36  
A H2     H N N 37  
C OP3    O N N 38  
C P      P N N 39  
C OP1    O N N 40  
C OP2    O N N 41  
C "O5'"  O N N 42  
C "C5'"  C N N 43  
C "C4'"  C N R 44  
C "O4'"  O N N 45  
C "C3'"  C N S 46  
C "O3'"  O N N 47  
C "C2'"  C N R 48  
C "O2'"  O N N 49  
C "C1'"  C N R 50  
C N1     N N N 51  
C C2     C N N 52  
C O2     O N N 53  
C N3     N N N 54  
C C4     C N N 55  
C N4     N N N 56  
C C5     C N N 57  
C C6     C N N 58  
C HOP3   H N N 59  
C HOP2   H N N 60  
C "H5'"  H N N 61  
C "H5''" H N N 62  
C "H4'"  H N N 63  
C "H3'"  H N N 64  
C "HO3'" H N N 65  
C "H2'"  H N N 66  
C "HO2'" H N N 67  
C "H1'"  H N N 68  
C H41    H N N 69  
C H42    H N N 70  
C H5     H N N 71  
C H6     H N N 72  
G OP3    O N N 73  
G P      P N N 74  
G OP1    O N N 75  
G OP2    O N N 76  
G "O5'"  O N N 77  
G "C5'"  C N N 78  
G "C4'"  C N R 79  
G "O4'"  O N N 80  
G "C3'"  C N S 81  
G "O3'"  O N N 82  
G "C2'"  C N R 83  
G "O2'"  O N N 84  
G "C1'"  C N R 85  
G N9     N Y N 86  
G C8     C Y N 87  
G N7     N Y N 88  
G C5     C Y N 89  
G C6     C N N 90  
G O6     O N N 91  
G N1     N N N 92  
G C2     C N N 93  
G N2     N N N 94  
G N3     N N N 95  
G C4     C Y N 96  
G HOP3   H N N 97  
G HOP2   H N N 98  
G "H5'"  H N N 99  
G "H5''" H N N 100 
G "H4'"  H N N 101 
G "H3'"  H N N 102 
G "HO3'" H N N 103 
G "H2'"  H N N 104 
G "HO2'" H N N 105 
G "H1'"  H N N 106 
G H8     H N N 107 
G H1     H N N 108 
G H21    H N N 109 
G H22    H N N 110 
U OP3    O N N 111 
U P      P N N 112 
U OP1    O N N 113 
U OP2    O N N 114 
U "O5'"  O N N 115 
U "C5'"  C N N 116 
U "C4'"  C N R 117 
U "O4'"  O N N 118 
U "C3'"  C N S 119 
U "O3'"  O N N 120 
U "C2'"  C N R 121 
U "O2'"  O N N 122 
U "C1'"  C N R 123 
U N1     N N N 124 
U C2     C N N 125 
U O2     O N N 126 
U N3     N N N 127 
U C4     C N N 128 
U O4     O N N 129 
U C5     C N N 130 
U C6     C N N 131 
U HOP3   H N N 132 
U HOP2   H N N 133 
U "H5'"  H N N 134 
U "H5''" H N N 135 
U "H4'"  H N N 136 
U "H3'"  H N N 137 
U "HO3'" H N N 138 
U "H2'"  H N N 139 
U "HO2'" H N N 140 
U "H1'"  H N N 141 
U H3     H N N 142 
U H5     H N N 143 
U H6     H N N 144 
# 
loop_
_chem_comp_bond.comp_id 
_chem_comp_bond.atom_id_1 
_chem_comp_bond.atom_id_2 
_chem_comp_bond.value_order 
_chem_comp_bond.pdbx_aromatic_flag 
_chem_comp_bond.pdbx_stereo_config 
_chem_comp_bond.pdbx_ordinal 
A OP3   P      sing N N 1   
A OP3   HOP3   sing N N 2   
A P     OP1    doub N N 3   
A P     OP2    sing N N 4   
A P     "O5'"  sing N N 5   
A OP2   HOP2   sing N N 6   
A "O5'" "C5'"  sing N N 7   
A "C5'" "C4'"  sing N N 8   
A "C5'" "H5'"  sing N N 9   
A "C5'" "H5''" sing N N 10  
A "C4'" "O4'"  sing N N 11  
A "C4'" "C3'"  sing N N 12  
A "C4'" "H4'"  sing N N 13  
A "O4'" "C1'"  sing N N 14  
A "C3'" "O3'"  sing N N 15  
A "C3'" "C2'"  sing N N 16  
A "C3'" "H3'"  sing N N 17  
A "O3'" "HO3'" sing N N 18  
A "C2'" "O2'"  sing N N 19  
A "C2'" "C1'"  sing N N 20  
A "C2'" "H2'"  sing N N 21  
A "O2'" "HO2'" sing N N 22  
A "C1'" N9     sing N N 23  
A "C1'" "H1'"  sing N N 24  
A N9    C8     sing Y N 25  
A N9    C4     sing Y N 26  
A C8    N7     doub Y N 27  
A C8    H8     sing N N 28  
A N7    C5     sing Y N 29  
A C5    C6     sing Y N 30  
A C5    C4     doub Y N 31  
A C6    N6     sing N N 32  
A C6    N1     doub Y N 33  
A N6    H61    sing N N 34  
A N6    H62    sing N N 35  
A N1    C2     sing Y N 36  
A C2    N3     doub Y N 37  
A C2    H2     sing N N 38  
A N3    C4     sing Y N 39  
C OP3   P      sing N N 40  
C OP3   HOP3   sing N N 41  
C P     OP1    doub N N 42  
C P     OP2    sing N N 43  
C P     "O5'"  sing N N 44  
C OP2   HOP2   sing N N 45  
C "O5'" "C5'"  sing N N 46  
C "C5'" "C4'"  sing N N 47  
C "C5'" "H5'"  sing N N 48  
C "C5'" "H5''" sing N N 49  
C "C4'" "O4'"  sing N N 50  
C "C4'" "C3'"  sing N N 51  
C "C4'" "H4'"  sing N N 52  
C "O4'" "C1'"  sing N N 53  
C "C3'" "O3'"  sing N N 54  
C "C3'" "C2'"  sing N N 55  
C "C3'" "H3'"  sing N N 56  
C "O3'" "HO3'" sing N N 57  
C "C2'" "O2'"  sing N N 58  
C "C2'" "C1'"  sing N N 59  
C "C2'" "H2'"  sing N N 60  
C "O2'" "HO2'" sing N N 61  
C "C1'" N1     sing N N 62  
C "C1'" "H1'"  sing N N 63  
C N1    C2     sing N N 64  
C N1    C6     sing N N 65  
C C2    O2     doub N N 66  
C C2    N3     sing N N 67  
C N3    C4     doub N N 68  
C C4    N4     sing N N 69  
C C4    C5     sing N N 70  
C N4    H41    sing N N 71  
C N4    H42    sing N N 72  
C C5    C6     doub N N 73  
C C5    H5     sing N N 74  
C C6    H6     sing N N 75  
G OP3   P      sing N N 76  
G OP3   HOP3   sing N N 77  
G P     OP1    doub N N 78  
G P     OP2    sing N N 79  
G P     "O5'"  sing N N 80  
G OP2   HOP2   sing N N 81  
G "O5'" "C5'"  sing N N 82  
G "C5'" "C4'"  sing N N 83  
G "C5'" "H5'"  sing N N 84  
G "C5'" "H5''" sing N N 85  
G "C4'" "O4'"  sing N N 86  
G "C4'" "C3'"  sing N N 87  
G "C4'" "H4'"  sing N N 88  
G "O4'" "C1'"  sing N N 89  
G "C3'" "O3'"  sing N N 90  
G "C3'" "C2'"  sing N N 91  
G "C3'" "H3'"  sing N N 92  
G "O3'" "HO3'" sing N N 93  
G "C2'" "O2'"  sing N N 94  
G "C2'" "C1'"  sing N N 95  
G "C2'" "H2'"  sing N N 96  
G "O2'" "HO2'" sing N N 97  
G "C1'" N9     sing N N 98  
G "C1'" "H1'"  sing N N 99  
G N9    C8     sing Y N 100 
G N9    C4     sing Y N 101 
G C8    N7     doub Y N 102 
G C8    H8     sing N N 103 
G N7    C5     sing Y N 104 
G C5    C6     sing N N 105 
G C5    C4     doub Y N 106 
G C6    O6     doub N N 107 
G C6    N1     sing N N 108 
G N1    C2     sing N N 109 
G N1    H1     sing N N 110 
G C2    N2     sing N N 111 
G C2    N3     doub N N 112 
G N2    H21    sing N N 113 
G N2    H22    sing N N 114 
G N3    C4     sing N N 115 
U OP3   P      sing N N 116 
U OP3   HOP3   sing N N 117 
U P     OP1    doub N N 118 
U P     OP2    sing N N 119 
U P     "O5'"  sing N N 120 
U OP2   HOP2   sing N N 121 
U "O5'" "C5'"  sing N N 122 
U "C5'" "C4'"  sing N N 123 
U "C5'" "H5'"  sing N N 124 
U "C5'" "H5''" sing N N 125 
U "C4'" "O4'"  sing N N 126 
U "C4'" "C3'"  sing N N 127 
U "C4'" "H4'"  sing N N 128 
U "O4'" "C1'"  sing N N 129 
U "C3'" "O3'"  sing N N 130 
U "C3'" "C2'"  sing N N 131 
U "C3'" "H3'"  sing N N 132 
U "O3'" "HO3'" sing N N 133 
U "C2'" "O2'"  sing N N 134 
U "C2'" "C1'"  sing N N 135 
U "C2'" "H2'"  sing N N 136 
U "O2'" "HO2'" sing N N 137 
U "C1'" N1     sing N N 138 
U "C1'" "H1'"  sing N N 139 
U N1    C2     sing N N 140 
U N1    C6     sing N N 141 
U C2    O2     doub N N 142 
U C2    N3     sing N N 143 
U N3    C4     sing N N 144 
U N3    H3     sing N N 145 
U C4    O4     doub N N 146 
U C4    C5     sing N N 147 
U C5    C6     doub N N 148 
U C5    H5     sing N N 149 
U C6    H6     sing N N 150 
# 
loop_
_ndb_struct_conf_na.entry_id 
_ndb_struct_conf_na.feature 
1I4C 'double helix' 
1I4C 'hairpin loop' 
# 
loop_
_ndb_struct_na_base_pair.model_number 
_ndb_struct_na_base_pair.i_label_asym_id 
_ndb_struct_na_base_pair.i_label_comp_id 
_ndb_struct_na_base_pair.i_label_seq_id 
_ndb_struct_na_base_pair.i_symmetry 
_ndb_struct_na_base_pair.j_label_asym_id 
_ndb_struct_na_base_pair.j_label_comp_id 
_ndb_struct_na_base_pair.j_label_seq_id 
_ndb_struct_na_base_pair.j_symmetry 
_ndb_struct_na_base_pair.shear 
_ndb_struct_na_base_pair.stretch 
_ndb_struct_na_base_pair.stagger 
_ndb_struct_na_base_pair.buckle 
_ndb_struct_na_base_pair.propeller 
_ndb_struct_na_base_pair.opening 
_ndb_struct_na_base_pair.pair_number 
_ndb_struct_na_base_pair.pair_name 
_ndb_struct_na_base_pair.i_auth_asym_id 
_ndb_struct_na_base_pair.i_auth_seq_id 
_ndb_struct_na_base_pair.i_PDB_ins_code 
_ndb_struct_na_base_pair.j_auth_asym_id 
_ndb_struct_na_base_pair.j_auth_seq_id 
_ndb_struct_na_base_pair.j_PDB_ins_code 
_ndb_struct_na_base_pair.hbond_type_28 
_ndb_struct_na_base_pair.hbond_type_12 
1 A G 1 1_555 A C 13 1_555 -0.290 -0.208 -0.669 -20.727 -9.417  -3.087 1 A_G1:C13_A A 1 ? A 13 ? 19 1 
1 A G 2 1_555 A C 12 1_555 -0.339 -0.227 -0.307 -9.624  -23.274 -3.092 2 A_G2:C12_A A 2 ? A 12 ? 19 1 
1 A U 3 1_555 A A 11 1_555 -0.219 -0.282 -0.573 9.349   -28.382 -5.288 3 A_U3:A11_A A 3 ? A 11 ? 20 1 
1 A G 4 1_555 A C 10 1_555 -0.178 -0.279 -0.075 -2.848  -30.462 -1.705 4 A_G4:C10_A A 4 ? A 10 ? 19 1 
1 A C 5 1_555 A G 9  1_555 0.255  -0.335 -0.358 -7.173  -14.007 4.029  5 A_C5:G9_A  A 5 ? A 9  ? 19 1 
# 
loop_
_ndb_struct_na_base_pair_step.model_number 
_ndb_struct_na_base_pair_step.i_label_asym_id_1 
_ndb_struct_na_base_pair_step.i_label_comp_id_1 
_ndb_struct_na_base_pair_step.i_label_seq_id_1 
_ndb_struct_na_base_pair_step.i_symmetry_1 
_ndb_struct_na_base_pair_step.j_label_asym_id_1 
_ndb_struct_na_base_pair_step.j_label_comp_id_1 
_ndb_struct_na_base_pair_step.j_label_seq_id_1 
_ndb_struct_na_base_pair_step.j_symmetry_1 
_ndb_struct_na_base_pair_step.i_label_asym_id_2 
_ndb_struct_na_base_pair_step.i_label_comp_id_2 
_ndb_struct_na_base_pair_step.i_label_seq_id_2 
_ndb_struct_na_base_pair_step.i_symmetry_2 
_ndb_struct_na_base_pair_step.j_label_asym_id_2 
_ndb_struct_na_base_pair_step.j_label_comp_id_2 
_ndb_struct_na_base_pair_step.j_label_seq_id_2 
_ndb_struct_na_base_pair_step.j_symmetry_2 
_ndb_struct_na_base_pair_step.shift 
_ndb_struct_na_base_pair_step.slide 
_ndb_struct_na_base_pair_step.rise 
_ndb_struct_na_base_pair_step.tilt 
_ndb_struct_na_base_pair_step.roll 
_ndb_struct_na_base_pair_step.twist 
_ndb_struct_na_base_pair_step.x_displacement 
_ndb_struct_na_base_pair_step.y_displacement 
_ndb_struct_na_base_pair_step.helical_rise 
_ndb_struct_na_base_pair_step.inclination 
_ndb_struct_na_base_pair_step.tip 
_ndb_struct_na_base_pair_step.helical_twist 
_ndb_struct_na_base_pair_step.step_number 
_ndb_struct_na_base_pair_step.step_name 
_ndb_struct_na_base_pair_step.i_auth_asym_id_1 
_ndb_struct_na_base_pair_step.i_auth_seq_id_1 
_ndb_struct_na_base_pair_step.i_PDB_ins_code_1 
_ndb_struct_na_base_pair_step.j_auth_asym_id_1 
_ndb_struct_na_base_pair_step.j_auth_seq_id_1 
_ndb_struct_na_base_pair_step.j_PDB_ins_code_1 
_ndb_struct_na_base_pair_step.i_auth_asym_id_2 
_ndb_struct_na_base_pair_step.i_auth_seq_id_2 
_ndb_struct_na_base_pair_step.i_PDB_ins_code_2 
_ndb_struct_na_base_pair_step.j_auth_asym_id_2 
_ndb_struct_na_base_pair_step.j_auth_seq_id_2 
_ndb_struct_na_base_pair_step.j_PDB_ins_code_2 
1 A G 1 1_555 A C 13 1_555 A G 2 1_555 A C 12 1_555 -1.425 -0.899 2.963 -1.253 3.699  34.156 -2.041 2.235  2.902 6.273  2.125   
34.372 1 AA_G1G2:C12C13_AA A 1 ? A 13 ? A 2 ? A 12 ? 
1 A G 2 1_555 A C 12 1_555 A U 3 1_555 A A 11 1_555 -0.163 -0.411 2.941 0.997  0.855  30.020 -0.950 0.498  2.922 1.649  -1.924  
30.049 2 AA_G2U3:A11C12_AA A 2 ? A 12 ? A 3 ? A 11 ? 
1 A U 3 1_555 A A 11 1_555 A G 4 1_555 A C 10 1_555 -0.122 -1.341 3.322 -4.006 31.965 31.258 -4.327 -0.160 1.432 46.623 5.842   
44.597 3 AA_U3G4:C10A11_AA A 3 ? A 11 ? A 4 ? A 10 ? 
1 A G 4 1_555 A C 10 1_555 A C 5 1_555 A G 9  1_555 1.511  -0.201 2.909 10.059 1.252  39.457 -0.420 -1.118 3.177 1.818  -14.609 
40.688 4 AA_G4C5:G9C10_AA  A 4 ? A 10 ? A 5 ? A 9  ? 
# 
loop_
_pdbx_nmr_spectrometer.spectrometer_id 
_pdbx_nmr_spectrometer.type 
_pdbx_nmr_spectrometer.manufacturer 
_pdbx_nmr_spectrometer.model 
_pdbx_nmr_spectrometer.field_strength 
1 ? Bruker AVANCE 500 
2 ? Bruker AMX    600 
# 
_atom_sites.entry_id                    1I4C 
_atom_sites.fract_transf_matrix[1][1]   1.000000 
_atom_sites.fract_transf_matrix[1][2]   0.000000 
_atom_sites.fract_transf_matrix[1][3]   0.000000 
_atom_sites.fract_transf_matrix[2][1]   0.000000 
_atom_sites.fract_transf_matrix[2][2]   1.000000 
_atom_sites.fract_transf_matrix[2][3]   0.000000 
_atom_sites.fract_transf_matrix[3][1]   0.000000 
_atom_sites.fract_transf_matrix[3][2]   0.000000 
_atom_sites.fract_transf_matrix[3][3]   1.000000 
_atom_sites.fract_transf_vector[1]      0.00000 
_atom_sites.fract_transf_vector[2]      0.00000 
_atom_sites.fract_transf_vector[3]      0.00000 
# 
loop_
_atom_type.symbol 
C 
H 
N 
O 
P 
# 
loop_
_atom_site.group_PDB 
_atom_site.id 
_atom_site.type_symbol 
_atom_site.label_atom_id 
_atom_site.label_alt_id 
_atom_site.label_comp_id 
_atom_site.label_asym_id 
_atom_site.label_entity_id 
_atom_site.label_seq_id 
_atom_site.pdbx_PDB_ins_code 
_atom_site.Cartn_x 
_atom_site.Cartn_y 
_atom_site.Cartn_z 
_atom_site.occupancy 
_atom_site.B_iso_or_equiv 
_atom_site.pdbx_formal_charge 
_atom_site.auth_seq_id 
_atom_site.auth_comp_id 
_atom_site.auth_asym_id 
_atom_site.auth_atom_id 
_atom_site.pdbx_PDB_model_num 
ATOM 1   O "O5'"  . G A 1 1  ? 5.563   10.553  4.391   1.00 1.77 ? 1  G A "O5'"  1 
ATOM 2   C "C5'"  . G A 1 1  ? -10.742 4.603   -4.749  1.00 1.82 ? 1  G A "C5'"  1 
ATOM 3   C "C4'"  . G A 1 1  ? -10.275 3.281   -5.349  1.00 1.68 ? 1  G A "C4'"  1 
ATOM 4   O "O4'"  . G A 1 1  ? -10.647 2.214   -4.483  1.00 1.66 ? 1  G A "O4'"  1 
ATOM 5   C "C3'"  . G A 1 1  ? 7.316   8.973   2.624   1.00 1.48 ? 1  G A "C3'"  1 
ATOM 6   O "O3'"  . G A 1 1  ? 7.866   9.496   1.412   1.00 1.49 ? 1  G A "O3'"  1 
ATOM 7   C "C2'"  . G A 1 1  ? 7.997   7.632   2.878   1.00 1.39 ? 1  G A "C2'"  1 
ATOM 8   O "O2'"  . G A 1 1  ? -8.587  1.097   -6.783  1.00 1.43 ? 1  G A "O2'"  1 
ATOM 9   C "C1'"  . G A 1 1  ? -9.751  1.105   -4.647  1.00 1.50 ? 1  G A "C1'"  1 
ATOM 10  N N9     . G A 1 1  ? 7.318   6.673   5.075   1.00 1.40 ? 1  G A N9     1 
ATOM 11  C C8     . G A 1 1  ? 6.265   6.934   5.913   1.00 1.43 ? 1  G A C8     1 
ATOM 12  N N7     . G A 1 1  ? 5.664   5.861   6.349   1.00 1.32 ? 1  G A N7     1 
ATOM 13  C C5     . G A 1 1  ? 6.369   4.817   5.758   1.00 1.21 ? 1  G A C5     1 
ATOM 14  C C6     . G A 1 1  ? 6.175   3.412   5.860   1.00 1.09 ? 1  G A C6     1 
ATOM 15  O O6     . G A 1 1  ? 5.326   2.805   6.508   1.00 1.04 ? 1  G A O6     1 
ATOM 16  N N1     . G A 1 1  ? 7.103   2.713   5.105   1.00 1.05 ? 1  G A N1     1 
ATOM 17  C C2     . G A 1 1  ? 8.096   3.287   4.344   1.00 1.12 ? 1  G A C2     1 
ATOM 18  N N2     . G A 1 1  ? 8.902   2.462   3.677   1.00 1.11 ? 1  G A N2     1 
ATOM 19  N N3     . G A 1 1  ? 8.286   4.605   4.240   1.00 1.22 ? 1  G A N3     1 
ATOM 20  C C4     . G A 1 1  ? 7.386   5.305   4.974   1.00 1.26 ? 1  G A C4     1 
ATOM 21  H "H5'"  . G A 1 1  ? -10.509 5.410   -5.442  1.00 1.83 ? 1  G A "H5'"  1 
ATOM 22  H "H5''" . G A 1 1  ? -11.821 4.564   -4.598  1.00 1.96 ? 1  G A "H5''" 1 
ATOM 23  H "H4'"  . G A 1 1  ? -10.757 3.140   -6.317  1.00 1.75 ? 1  G A "H4'"  1 
ATOM 24  H "H3'"  . G A 1 1  ? 6.230   8.903   2.579   1.00 1.44 ? 1  G A "H3'"  1 
ATOM 25  H "H2'"  . G A 1 1  ? 7.351   6.808   2.579   1.00 1.25 ? 1  G A "H2'"  1 
ATOM 26  H "HO2'" . G A 1 1  ? 9.099   7.148   1.350   1.00 1.42 ? 1  G A "HO2'" 1 
ATOM 27  H "H1'"  . G A 1 1  ? -10.263 0.304   -5.179  1.00 1.57 ? 1  G A "H1'"  1 
ATOM 28  H H8     . G A 1 1  ? 5.957   7.942   6.185   1.00 1.55 ? 1  G A H8     1 
ATOM 29  H H1     . G A 1 1  ? 7.040   1.705   5.119   1.00 0.99 ? 1  G A H1     1 
ATOM 30  H H21    . G A 1 1  ? 8.770   1.463   3.745   1.00 1.07 ? 1  G A H21    1 
ATOM 31  H H22    . G A 1 1  ? 9.645   2.835   3.104   1.00 1.18 ? 1  G A H22    1 
ATOM 32  H "HO5'" . G A 1 1  ? 5.632   9.761   4.930   1.00 1.86 ? 1  G A "HO5'" 1 
ATOM 33  P P      . G A 1 2  ? 7.312   8.999   -0.017  1.00 1.35 ? 2  G A P      1 
ATOM 34  O OP1    . G A 1 2  ? 7.836   9.911   -1.058  1.00 1.44 ? 2  G A OP1    1 
ATOM 35  O OP2    . G A 1 2  ? 5.854   8.777   0.104   1.00 1.32 ? 2  G A OP2    1 
ATOM 36  O "O5'"  . G A 1 2  ? 8.027   7.566   -0.196  1.00 1.20 ? 2  G A "O5'"  1 
ATOM 37  C "C5'"  . G A 1 2  ? 9.273   7.458   -0.890  1.00 1.25 ? 2  G A "C5'"  1 
ATOM 38  C "C4'"  . G A 1 2  ? 9.559   6.022   -1.319  1.00 1.16 ? 2  G A "C4'"  1 
ATOM 39  O "O4'"  . G A 1 2  ? 9.593   5.179   -0.160  1.00 1.11 ? 2  G A "O4'"  1 
ATOM 40  C "C3'"  . G A 1 2  ? 8.497   5.387   -2.197  1.00 1.05 ? 2  G A "C3'"  1 
ATOM 41  O "O3'"  . G A 1 2  ? 8.856   5.636   -3.558  1.00 1.11 ? 2  G A "O3'"  1 
ATOM 42  C "C2'"  . G A 1 2  ? 8.699   3.905   -1.943  1.00 0.99 ? 2  G A "C2'"  1 
ATOM 43  O "O2'"  . G A 1 2  ? 9.803   3.407   -2.704  1.00 1.06 ? 2  G A "O2'"  1 
ATOM 44  C "C1'"  . G A 1 2  ? 9.022   3.890   -0.452  1.00 1.01 ? 2  G A "C1'"  1 
ATOM 45  N N9     . G A 1 2  ? 7.815   3.705   0.376   1.00 0.94 ? 2  G A N9     1 
ATOM 46  C C8     . G A 1 2  ? 6.909   4.647   0.792   1.00 0.96 ? 2  G A C8     1 
ATOM 47  N N7     . G A 1 2  ? 5.936   4.158   1.509   1.00 0.89 ? 2  G A N7     1 
ATOM 48  C C5     . G A 1 2  ? 6.216   2.798   1.574   1.00 0.83 ? 2  G A C5     1 
ATOM 49  C C6     . G A 1 2  ? 5.505   1.751   2.222   1.00 0.77 ? 2  G A C6     1 
ATOM 50  O O6     . G A 1 2  ? 4.467   1.827   2.878   1.00 0.74 ? 2  G A O6     1 
ATOM 51  N N1     . G A 1 2  ? 6.123   0.525   2.043   1.00 0.76 ? 2  G A N1     1 
ATOM 52  C C2     . G A 1 2  ? 7.283   0.322   1.330   1.00 0.80 ? 2  G A C2     1 
ATOM 53  N N2     . G A 1 2  ? 7.738   -0.929  1.258   1.00 0.82 ? 2  G A N2     1 
ATOM 54  N N3     . G A 1 2  ? 7.960   1.299   0.717   1.00 0.85 ? 2  G A N3     1 
ATOM 55  C C4     . G A 1 2  ? 7.368   2.507   0.882   1.00 0.86 ? 2  G A C4     1 
ATOM 56  H "H5'"  . G A 1 2  ? 9.242   8.094   -1.776  1.00 1.31 ? 2  G A "H5'"  1 
ATOM 57  H "H5''" . G A 1 2  ? -7.302  1.491   -8.983  1.00 1.33 ? 2  G A "H5''" 1 
ATOM 58  H "H4'"  . G A 1 2  ? 10.532  5.987   -1.809  1.00 1.23 ? 2  G A "H4'"  1 
ATOM 59  H "H3'"  . G A 1 2  ? 7.486   5.732   -1.974  1.00 1.01 ? 2  G A "H3'"  1 
ATOM 60  H "H2'"  . G A 1 2  ? 7.791   3.344   -2.151  1.00 0.92 ? 2  G A "H2'"  1 
ATOM 61  H "HO2'" . G A 1 2  ? 9.472   2.694   -3.255  1.00 1.19 ? 2  G A "HO2'" 1 
ATOM 62  H "H1'"  . G A 1 2  ? 9.747   3.111   -0.216  1.00 1.03 ? 2  G A "H1'"  1 
ATOM 63  H H8     . G A 1 2  ? 6.993   5.704   0.543   1.00 1.03 ? 2  G A H8     1 
ATOM 64  H H1     . G A 1 2  ? 5.685   -0.279  2.472   1.00 0.74 ? 2  G A H1     1 
ATOM 65  H H21    . G A 1 2  ? 7.216   -1.682  1.685   1.00 0.81 ? 2  G A H21    1 
ATOM 66  H H22    . G A 1 2  ? 8.605   -1.125  0.778   1.00 0.86 ? 2  G A H22    1 
ATOM 67  P P      . U A 1 3  ? 7.780   5.421   -4.736  1.00 1.13 ? 3  U A P      1 
ATOM 68  O OP1    . U A 1 3  ? 8.431   5.745   -6.024  1.00 1.27 ? 3  U A OP1    1 
ATOM 69  O OP2    . U A 1 3  ? 6.527   6.109   -4.348  1.00 1.09 ? 3  U A OP2    1 
ATOM 70  O "O5'"  . U A 1 3  ? 7.516   3.832   -4.688  1.00 1.04 ? 3  U A "O5'"  1 
ATOM 71  C "C5'"  . U A 1 3  ? 8.163   2.964   -5.622  1.00 1.10 ? 3  U A "C5'"  1 
ATOM 72  C "C4'"  . U A 1 3  ? 8.039   1.495   -5.214  1.00 1.03 ? 3  U A "C4'"  1 
ATOM 73  O "O4'"  . U A 1 3  ? 8.021   1.389   -3.786  1.00 0.98 ? 3  U A "O4'"  1 
ATOM 74  C "C3'"  . U A 1 3  ? 6.749   0.815   -5.625  1.00 0.93 ? 3  U A "C3'"  1 
ATOM 75  O "O3'"  . U A 1 3  ? 6.935   0.287   -6.940  1.00 1.00 ? 3  U A "O3'"  1 
ATOM 76  C "C2'"  . U A 1 3  ? 6.692   -0.361  -4.666  1.00 0.87 ? 3  U A "C2'"  1 
ATOM 77  O "O2'"  . U A 1 3  ? 7.581   -1.400  -5.086  1.00 0.96 ? 3  U A "O2'"  1 
ATOM 78  C "C1'"  . U A 1 3  ? 7.190   0.285   -3.375  1.00 0.88 ? 3  U A "C1'"  1 
ATOM 79  N N1     . U A 1 3  ? 6.072   0.812   -2.559  1.00 0.80 ? 3  U A N1     1 
ATOM 80  C C2     . U A 1 3  ? 5.531   -0.013  -1.584  1.00 0.75 ? 3  U A C2     1 
ATOM 81  O O2     . U A 1 3  ? 5.958   -1.145  -1.367  1.00 0.80 ? 3  U A O2     1 
ATOM 82  N N3     . U A 1 3  ? 4.475   0.512   -0.864  1.00 0.70 ? 3  U A N3     1 
ATOM 83  C C4     . U A 1 3  ? 3.921   1.768   -1.030  1.00 0.68 ? 3  U A C4     1 
ATOM 84  O O4     . U A 1 3  ? 2.977   2.121   -0.328  1.00 0.66 ? 3  U A O4     1 
ATOM 85  C C5     . U A 1 3  ? 4.539   2.567   -2.062  1.00 0.74 ? 3  U A C5     1 
ATOM 86  C C6     . U A 1 3  ? 5.576   2.070   -2.780  1.00 0.80 ? 3  U A C6     1 
ATOM 87  H "H5'"  . U A 1 3  ? 9.219   3.233   -5.679  1.00 1.17 ? 3  U A "H5'"  1 
ATOM 88  H "H5''" . U A 1 3  ? 7.711   3.098   -6.604  1.00 1.16 ? 3  U A "H5''" 1 
ATOM 89  H "H4'"  . U A 1 3  ? 8.898   0.943   -5.600  1.00 1.10 ? 3  U A "H4'"  1 
ATOM 90  H "H3'"  . U A 1 3  ? 5.877   1.466   -5.567  1.00 0.88 ? 3  U A "H3'"  1 
ATOM 91  H "H2'"  . U A 1 3  ? 5.673   -0.731  -4.555  1.00 0.78 ? 3  U A "H2'"  1 
ATOM 92  H "HO2'" . U A 1 3  ? 7.384   -1.589  -6.007  1.00 0.95 ? 3  U A "HO2'" 1 
ATOM 93  H "H1'"  . U A 1 3  ? 7.787   -0.416  -2.787  1.00 0.93 ? 3  U A "H1'"  1 
ATOM 94  H H3     . U A 1 3  ? 4.071   -0.077  -0.150  1.00 0.70 ? 3  U A H3     1 
ATOM 95  H H5     . U A 1 3  ? 4.170   3.572   -2.264  1.00 0.78 ? 3  U A H5     1 
ATOM 96  H H6     . U A 1 3  ? 6.031   2.689   -3.553  1.00 0.88 ? 3  U A H6     1 
ATOM 97  P P      . G A 1 4  ? 5.741   0.360   -8.018  1.00 1.00 ? 4  G A P      1 
ATOM 98  O OP1    . G A 1 4  ? 6.253   -0.150  -9.310  1.00 1.15 ? 4  G A OP1    1 
ATOM 99  O OP2    . G A 1 4  ? 5.133   1.707   -7.946  1.00 1.01 ? 4  G A OP2    1 
ATOM 100 O "O5'"  . G A 1 4  ? 4.680   -0.705  -7.440  1.00 0.87 ? 4  G A "O5'"  1 
ATOM 101 C "C5'"  . G A 1 4  ? 4.850   -2.102  -7.692  1.00 0.93 ? 4  G A "C5'"  1 
ATOM 102 C "C4'"  . G A 1 4  ? 3.850   -2.947  -6.908  1.00 0.82 ? 4  G A "C4'"  1 
ATOM 103 O "O4'"  . G A 1 4  ? 3.962   -2.657  -5.515  1.00 0.71 ? 4  G A "O4'"  1 
ATOM 104 C "C3'"  . G A 1 4  ? 2.391   -2.667  -7.207  1.00 0.72 ? 4  G A "C3'"  1 
ATOM 105 O "O3'"  . G A 1 4  ? 2.009   -3.504  -8.301  1.00 0.86 ? 4  G A "O3'"  1 
ATOM 106 C "C2'"  . G A 1 4  ? 1.692   -3.203  -5.967  1.00 0.59 ? 4  G A "C2'"  1 
ATOM 107 O "O2'"  . G A 1 4  ? 1.499   -4.615  -6.073  1.00 0.69 ? 4  G A "O2'"  1 
ATOM 108 C "C1'"  . G A 1 4  ? 2.700   -2.880  -4.858  1.00 0.60 ? 4  G A "C1'"  1 
ATOM 109 N N9     . G A 1 4  ? 2.329   -1.668  -4.103  1.00 0.53 ? 4  G A N9     1 
ATOM 110 C C8     . G A 1 4  ? 2.764   -0.379  -4.278  1.00 0.56 ? 4  G A C8     1 
ATOM 111 N N7     . G A 1 4  ? 2.239   0.470   -3.439  1.00 0.53 ? 4  G A N7     1 
ATOM 112 C C5     . G A 1 4  ? 1.396   -0.310  -2.654  1.00 0.47 ? 4  G A C5     1 
ATOM 113 C C6     . G A 1 4  ? 0.556   0.063   -1.568  1.00 0.47 ? 4  G A C6     1 
ATOM 114 O O6     . G A 1 4  ? 0.391   1.178   -1.078  1.00 0.52 ? 4  G A O6     1 
ATOM 115 N N1     . G A 1 4  ? -0.127  -1.027  -1.053  1.00 0.49 ? 4  G A N1     1 
ATOM 116 C C2     . G A 1 4  ? -0.019  -2.319  -1.517  1.00 0.49 ? 4  G A C2     1 
ATOM 117 N N2     . G A 1 4  ? -0.754  -3.246  -0.902  1.00 0.57 ? 4  G A N2     1 
ATOM 118 N N3     . G A 1 4  ? 0.768   -2.680  -2.534  1.00 0.48 ? 4  G A N3     1 
ATOM 119 C C4     . G A 1 4  ? 1.444   -1.624  -3.052  1.00 0.47 ? 4  G A C4     1 
ATOM 120 H "H5'"  . G A 1 4  ? 5.861   -2.393  -7.406  1.00 1.00 ? 4  G A "H5'"  1 
ATOM 121 H "H5''" . G A 1 4  ? 4.715   -2.289  -8.757  1.00 1.05 ? 4  G A "H5''" 1 
ATOM 122 H "H4'"  . G A 1 4  ? 4.077   -4.001  -7.069  1.00 0.91 ? 4  G A "H4'"  1 
ATOM 123 H "H3'"  . G A 1 4  ? 2.182   -1.615  -7.403  1.00 0.71 ? 4  G A "H3'"  1 
ATOM 124 H "H2'"  . G A 1 4  ? 0.747   -2.688  -5.797  1.00 0.47 ? 4  G A "H2'"  1 
ATOM 125 H "HO2'" . G A 1 4  ? 1.989   -4.914  -6.843  1.00 0.94 ? 4  G A "HO2'" 1 
ATOM 126 H "H1'"  . G A 1 4  ? 2.798   -3.718  -4.168  1.00 0.64 ? 4  G A "H1'"  1 
ATOM 127 H H8     . G A 1 4  ? 3.478   -0.091  -5.049  1.00 0.65 ? 4  G A H8     1 
ATOM 128 H H1     . G A 1 4  ? -0.749  -0.855  -0.277  1.00 0.55 ? 4  G A H1     1 
ATOM 129 H H21    . G A 1 4  ? -1.414  -2.976  -0.186  1.00 0.62 ? 4  G A H21    1 
ATOM 130 H H22    . G A 1 4  ? -0.653  -4.219  -1.154  1.00 0.61 ? 4  G A H22    1 
ATOM 131 P P      . C A 1 5  ? 0.926   -2.993  -9.378  1.00 0.88 ? 5  C A P      1 
ATOM 132 O OP1    . C A 1 5  ? 0.901   -3.956  -10.502 1.00 1.08 ? 5  C A OP1    1 
ATOM 133 O OP2    . C A 1 5  ? 1.176   -1.559  -9.641  1.00 1.03 ? 5  C A OP2    1 
ATOM 134 O "O5'"  . C A 1 5  ? -0.464  -3.122  -8.574  1.00 0.60 ? 5  C A "O5'"  1 
ATOM 135 C "C5'"  . C A 1 5  ? -0.831  -4.350  -7.938  1.00 0.44 ? 5  C A "C5'"  1 
ATOM 136 C "C4'"  . C A 1 5  ? -1.636  -4.098  -6.666  1.00 0.16 ? 5  C A "C4'"  1 
ATOM 137 O "O4'"  . C A 1 5  ? -1.002  -3.072  -5.919  1.00 0.22 ? 5  C A "O4'"  1 
ATOM 138 C "C3'"  . C A 1 5  ? -3.058  -3.591  -6.895  1.00 0.25 ? 5  C A "C3'"  1 
ATOM 139 O "O3'"  . C A 1 5  ? -3.932  -4.660  -6.522  1.00 0.56 ? 5  C A "O3'"  1 
ATOM 140 C "C2'"  . C A 1 5  ? -3.276  -2.466  -5.873  1.00 0.22 ? 5  C A "C2'"  1 
ATOM 141 O "O2'"  . C A 1 5  ? -4.345  -2.809  -4.993  1.00 0.47 ? 5  C A "O2'"  1 
ATOM 142 C "C1'"  . C A 1 5  ? -1.957  -2.404  -5.102  1.00 0.19 ? 5  C A "C1'"  1 
ATOM 143 N N1     . C A 1 5  ? -1.480  -1.016  -4.889  1.00 0.19 ? 5  C A N1     1 
ATOM 144 C C2     . C A 1 5  ? -1.824  -0.380  -3.703  1.00 0.32 ? 5  C A C2     1 
ATOM 145 O O2     . C A 1 5  ? -2.520  -0.958  -2.872  1.00 0.48 ? 5  C A O2     1 
ATOM 146 N N3     . C A 1 5  ? -1.373  0.886   -3.487  1.00 0.37 ? 5  C A N3     1 
ATOM 147 C C4     . C A 1 5  ? -0.615  1.508   -4.398  1.00 0.33 ? 5  C A C4     1 
ATOM 148 N N4     . C A 1 5  ? -0.206  2.748   -4.125  1.00 0.42 ? 5  C A N4     1 
ATOM 149 C C5     . C A 1 5  ? -0.259  0.862   -5.622  1.00 0.34 ? 5  C A C5     1 
ATOM 150 C C6     . C A 1 5  ? -0.709  -0.390  -5.826  1.00 0.27 ? 5  C A C6     1 
ATOM 151 H "H5'"  . C A 1 5  ? 0.071   -4.905  -7.685  1.00 0.56 ? 5  C A "H5'"  1 
ATOM 152 H "H5''" . C A 1 5  ? -1.433  -4.941  -8.628  1.00 0.55 ? 5  C A "H5''" 1 
ATOM 153 H "H4'"  . C A 1 5  ? -1.648  -5.012  -6.071  1.00 0.35 ? 5  C A "H4'"  1 
ATOM 154 H "H3'"  . C A 1 5  ? -3.240  -3.272  -7.923  1.00 0.51 ? 5  C A "H3'"  1 
ATOM 155 H "H2'"  . C A 1 5  ? -3.476  -1.522  -6.373  1.00 0.40 ? 5  C A "H2'"  1 
ATOM 156 H "HO2'" . C A 1 5  ? -5.010  -2.120  -5.070  1.00 0.88 ? 5  C A "HO2'" 1 
ATOM 157 H "H1'"  . C A 1 5  ? -2.041  -2.920  -4.144  1.00 0.27 ? 5  C A "H1'"  1 
ATOM 158 H H41    . C A 1 5  ? -0.406  3.158   -3.223  1.00 0.48 ? 5  C A H41    1 
ATOM 159 H H42    . C A 1 5  ? 0.302   3.276   -4.819  1.00 0.48 ? 5  C A H42    1 
ATOM 160 H H5     . C A 1 5  ? 0.356   1.360   -6.372  1.00 0.47 ? 5  C A H5     1 
ATOM 161 H H6     . C A 1 5  ? -0.454  -0.911  -6.749  1.00 0.37 ? 5  C A H6     1 
ATOM 162 P P      . U A 1 6  ? -5.489  -4.629  -6.927  1.00 0.82 ? 6  U A P      1 
ATOM 163 O OP1    . U A 1 6  ? -5.804  -5.880  -7.652  1.00 1.33 ? 6  U A OP1    1 
ATOM 164 O OP2    . U A 1 6  ? -5.779  -3.319  -7.553  1.00 1.13 ? 6  U A OP2    1 
ATOM 165 O "O5'"  . U A 1 6  ? -6.223  -4.675  -5.493  1.00 0.72 ? 6  U A "O5'"  1 
ATOM 166 C "C5'"  . U A 1 6  ? -7.106  -3.621  -5.099  1.00 0.61 ? 6  U A "C5'"  1 
ATOM 167 C "C4'"  . U A 1 6  ? -7.140  -3.451  -3.566  1.00 0.50 ? 6  U A "C4'"  1 
ATOM 168 O "O4'"  . U A 1 6  ? -6.444  -4.551  -2.960  1.00 0.44 ? 6  U A "O4'"  1 
ATOM 169 C "C3'"  . U A 1 6  ? -6.457  -2.193  -3.017  1.00 0.69 ? 6  U A "C3'"  1 
ATOM 170 O "O3'"  . U A 1 6  ? -7.205  -1.795  -1.871  1.00 1.01 ? 6  U A "O3'"  1 
ATOM 171 C "C2'"  . U A 1 6  ? -5.112  -2.685  -2.511  1.00 0.73 ? 6  U A "C2'"  1 
ATOM 172 O "O2'"  . U A 1 6  ? -4.658  -1.877  -1.423  1.00 1.15 ? 6  U A "O2'"  1 
ATOM 173 C "C1'"  . U A 1 6  ? -5.463  -4.082  -2.031  1.00 0.64 ? 6  U A "C1'"  1 
ATOM 174 N N1     . U A 1 6  ? -4.296  -5.001  -2.058  1.00 0.90 ? 6  U A N1     1 
ATOM 175 C C2     . U A 1 6  ? -3.841  -5.519  -0.852  1.00 1.30 ? 6  U A C2     1 
ATOM 176 O O2     . U A 1 6  ? -4.361  -5.235  0.224   1.00 1.37 ? 6  U A O2     1 
ATOM 177 N N3     . U A 1 6  ? -2.760  -6.375  -0.928  1.00 1.67 ? 6  U A N3     1 
ATOM 178 C C4     . U A 1 6  ? -2.102  -6.755  -2.081  1.00 1.73 ? 6  U A C4     1 
ATOM 179 O O4     . U A 1 6  ? -1.149  -7.528  -2.018  1.00 2.14 ? 6  U A O4     1 
ATOM 180 C C5     . U A 1 6  ? -2.630  -6.175  -3.296  1.00 1.31 ? 6  U A C5     1 
ATOM 181 C C6     . U A 1 6  ? -3.691  -5.330  -3.245  1.00 0.89 ? 6  U A C6     1 
ATOM 182 H "H5'"  . U A 1 6  ? -8.110  -3.854  -5.461  1.00 1.13 ? 6  U A "H5'"  1 
ATOM 183 H "H5''" . U A 1 6  ? -6.773  -2.694  -5.565  1.00 1.10 ? 6  U A "H5''" 1 
ATOM 184 H "H4'"  . U A 1 6  ? -8.179  -3.476  -3.226  1.00 0.73 ? 6  U A "H4'"  1 
ATOM 185 H "H3'"  . U A 1 6  ? -6.375  -1.384  -3.741  1.00 0.79 ? 6  U A "H3'"  1 
ATOM 186 H "H2'"  . U A 1 6  ? -4.378  -2.717  -3.315  1.00 0.69 ? 6  U A "H2'"  1 
ATOM 187 H "HO2'" . U A 1 6  ? -5.436  -1.535  -0.976  1.00 1.52 ? 6  U A "HO2'" 1 
ATOM 188 H "H1'"  . U A 1 6  ? -5.904  -4.048  -1.031  1.00 0.86 ? 6  U A "H1'"  1 
ATOM 189 H H3     . U A 1 6  ? -2.418  -6.757  -0.058  1.00 1.97 ? 6  U A H3     1 
ATOM 190 H H5     . U A 1 6  ? -2.175  -6.419  -4.256  1.00 1.37 ? 6  U A H5     1 
ATOM 191 H H6     . U A 1 6  ? -4.067  -4.891  -4.173  1.00 0.60 ? 6  U A H6     1 
ATOM 192 P P      . U A 1 7  ? -8.513  -0.873  -2.028  1.00 1.66 ? 7  U A P      1 
ATOM 193 O OP1    . U A 1 7  ? -9.564  -1.400  -1.128  1.00 2.18 ? 7  U A OP1    1 
ATOM 194 O OP2    . U A 1 7  ? -8.791  -0.702  -3.471  1.00 2.35 ? 7  U A OP2    1 
ATOM 195 O "O5'"  . U A 1 7  ? -8.007  0.540   -1.437  1.00 1.57 ? 7  U A "O5'"  1 
ATOM 196 C "C5'"  . U A 1 7  ? -8.062  1.739   -2.214  1.00 0.57 ? 7  U A "C5'"  1 
ATOM 197 C "C4'"  . U A 1 7  ? -9.106  2.711   -1.645  1.00 0.41 ? 7  U A "C4'"  1 
ATOM 198 O "O4'"  . U A 1 7  ? -9.999  1.972   -0.797  1.00 0.37 ? 7  U A "O4'"  1 
ATOM 199 C "C3'"  . U A 1 7  ? -8.558  3.817   -0.748  1.00 0.47 ? 7  U A "C3'"  1 
ATOM 200 O "O3'"  . U A 1 7  ? -9.512  4.884   -0.745  1.00 0.56 ? 7  U A "O3'"  1 
ATOM 201 C "C2'"  . U A 1 7  ? -8.584  3.209   0.642   1.00 0.55 ? 7  U A "C2'"  1 
ATOM 202 O "O2'"  . U A 1 7  ? -8.724  4.232   1.632   1.00 0.72 ? 7  U A "O2'"  1 
ATOM 203 C "C1'"  . U A 1 7  ? -9.845  2.349   0.583   1.00 0.45 ? 7  U A "C1'"  1 
ATOM 204 N N1     . U A 1 7  ? -9.708  1.106   1.394   1.00 0.54 ? 7  U A N1     1 
ATOM 205 C C2     . U A 1 7  ? -10.590 0.894   2.445   1.00 0.66 ? 7  U A C2     1 
ATOM 206 O O2     . U A 1 7  ? -11.472 1.699   2.738   1.00 0.70 ? 7  U A O2     1 
ATOM 207 N N3     . U A 1 7  ? -10.417 -0.281  3.153   1.00 0.81 ? 7  U A N3     1 
ATOM 208 C C4     . U A 1 7  ? -9.459  -1.247  2.907   1.00 0.85 ? 7  U A C4     1 
ATOM 209 O O4     . U A 1 7  ? -9.407  -2.256  3.609   1.00 1.01 ? 7  U A O4     1 
ATOM 210 C C5     . U A 1 7  ? -8.581  -0.954  1.798   1.00 0.74 ? 7  U A C5     1 
ATOM 211 C C6     . U A 1 7  ? -8.733  0.190   1.095   1.00 0.61 ? 7  U A C6     1 
ATOM 212 H "H5'"  . U A 1 7  ? -8.323  1.487   -3.246  1.00 0.79 ? 7  U A "H5'"  1 
ATOM 213 H "H5''" . U A 1 7  ? -7.080  2.212   -2.205  1.00 0.78 ? 7  U A "H5''" 1 
ATOM 214 H "H4'"  . U A 1 7  ? -9.674  3.143   -2.470  1.00 0.50 ? 7  U A "H4'"  1 
ATOM 215 H "H3'"  . U A 1 7  ? -7.569  4.165   -1.047  1.00 0.57 ? 7  U A "H3'"  1 
ATOM 216 H "H2'"  . U A 1 7  ? -7.697  2.605   0.823   1.00 0.65 ? 7  U A "H2'"  1 
ATOM 217 H "HO2'" . U A 1 7  ? -9.658  4.296   1.848   1.00 1.03 ? 7  U A "HO2'" 1 
ATOM 218 H "H1'"  . U A 1 7  ? -10.723 2.919   0.900   1.00 0.55 ? 7  U A "H1'"  1 
ATOM 219 H H3     . U A 1 7  ? -11.049 -0.449  3.923   1.00 0.94 ? 7  U A H3     1 
ATOM 220 H H5     . U A 1 7  ? -7.793  -1.658  1.522   1.00 0.82 ? 7  U A H5     1 
ATOM 221 H H6     . U A 1 7  ? -8.055  0.392   0.268   1.00 0.62 ? 7  U A H6     1 
ATOM 222 P P      . A A 1 8  ? -9.309  6.171   -1.691  1.00 0.52 ? 8  A A P      1 
ATOM 223 O OP1    . A A 1 8  ? -10.647 6.676   -2.072  1.00 0.63 ? 8  A A OP1    1 
ATOM 224 O OP2    . A A 1 8  ? -8.329  5.821   -2.743  1.00 0.59 ? 8  A A OP2    1 
ATOM 225 O "O5'"  . A A 1 8  ? -8.628  7.252   -0.703  1.00 0.62 ? 8  A A "O5'"  1 
ATOM 226 C "C5'"  . A A 1 8  ? -8.028  6.850   0.533   1.00 0.64 ? 8  A A "C5'"  1 
ATOM 227 C "C4'"  . A A 1 8  ? -6.648  6.231   0.312   1.00 0.49 ? 8  A A "C4'"  1 
ATOM 228 O "O4'"  . A A 1 8  ? -6.617  5.631   -0.968  1.00 0.50 ? 8  A A "O4'"  1 
ATOM 229 C "C3'"  . A A 1 8  ? -5.488  7.217   0.268   1.00 0.44 ? 8  A A "C3'"  1 
ATOM 230 O "O3'"  . A A 1 8  ? -4.859  7.170   1.553   1.00 0.68 ? 8  A A "O3'"  1 
ATOM 231 C "C2'"  . A A 1 8  ? -4.491  6.615   -0.740  1.00 0.48 ? 8  A A "C2'"  1 
ATOM 232 O "O2'"  . A A 1 8  ? -3.331  6.134   -0.056  1.00 0.71 ? 8  A A "O2'"  1 
ATOM 233 C "C1'"  . A A 1 8  ? -5.266  5.438   -1.357  1.00 0.45 ? 8  A A "C1'"  1 
ATOM 234 N N9     . A A 1 8  ? -5.218  5.381   -2.835  1.00 0.39 ? 8  A A N9     1 
ATOM 235 C C8     . A A 1 8  ? -5.218  6.406   -3.757  1.00 0.45 ? 8  A A C8     1 
ATOM 236 N N7     . A A 1 8  ? -5.205  5.994   -4.994  1.00 0.47 ? 8  A A N7     1 
ATOM 237 C C5     . A A 1 8  ? -5.202  4.609   -4.885  1.00 0.40 ? 8  A A C5     1 
ATOM 238 C C6     . A A 1 8  ? -5.193  3.583   -5.843  1.00 0.45 ? 8  A A C6     1 
ATOM 239 N N6     . A A 1 8  ? -5.193  3.803   -7.157  1.00 0.55 ? 8  A A N6     1 
ATOM 240 N N1     . A A 1 8  ? -5.192  2.315   -5.400  1.00 0.48 ? 8  A A N1     1 
ATOM 241 C C2     . A A 1 8  ? -5.202  2.087   -4.092  1.00 0.47 ? 8  A A C2     1 
ATOM 242 N N3     . A A 1 8  ? -5.209  2.960   -3.097  1.00 0.43 ? 8  A A N3     1 
ATOM 243 C C4     . A A 1 8  ? -5.209  4.224   -3.577  1.00 0.37 ? 8  A A C4     1 
ATOM 244 H "H5'"  . A A 1 8  ? -8.678  6.120   1.020   1.00 1.15 ? 8  A A "H5'"  1 
ATOM 245 H "H5''" . A A 1 8  ? -7.927  7.722   1.178   1.00 1.30 ? 8  A A "H5''" 1 
ATOM 246 H "H4'"  . A A 1 8  ? -6.470  5.465   1.069   1.00 0.67 ? 8  A A "H4'"  1 
ATOM 247 H "H3'"  . A A 1 8  ? -5.797  8.230   0.011   1.00 0.53 ? 8  A A "H3'"  1 
ATOM 248 H "H2'"  . A A 1 8  ? -4.214  7.347   -1.492  1.00 0.53 ? 8  A A "H2'"  1 
ATOM 249 H "HO2'" . A A 1 8  ? -3.607  5.875   0.826   1.00 0.72 ? 8  A A "HO2'" 1 
ATOM 250 H "H1'"  . A A 1 8  ? -4.911  4.490   -0.953  1.00 0.64 ? 8  A A "H1'"  1 
ATOM 251 H H8     . A A 1 8  ? -5.253  7.460   -3.486  1.00 0.53 ? 8  A A H8     1 
ATOM 252 H H61    . A A 1 8  ? -5.187  3.023   -7.799  1.00 0.61 ? 8  A A H61    1 
ATOM 253 H H62    . A A 1 8  ? -5.202  4.749   -7.509  1.00 0.60 ? 8  A A H62    1 
ATOM 254 H H2     . A A 1 8  ? -5.213  1.036   -3.798  1.00 0.57 ? 8  A A H2     1 
ATOM 255 P P      . G A 1 9  ? -5.587  7.793   2.850   1.00 0.69 ? 9  G A P      1 
ATOM 256 O OP1    . G A 1 9  ? -6.551  8.822   2.390   1.00 0.81 ? 9  G A OP1    1 
ATOM 257 O OP2    . G A 1 9  ? -4.545  8.149   3.838   1.00 0.88 ? 9  G A OP2    1 
ATOM 258 O "O5'"  . G A 1 9  ? -6.423  6.540   3.427   1.00 0.65 ? 9  G A "O5'"  1 
ATOM 259 C "C5'"  . G A 1 9  ? -6.016  5.863   4.625   1.00 0.50 ? 9  G A "C5'"  1 
ATOM 260 C "C4'"  . G A 1 9  ? -6.062  4.349   4.444   1.00 0.45 ? 9  G A "C4'"  1 
ATOM 261 O "O4'"  . G A 1 9  ? -5.548  4.033   3.148   1.00 0.40 ? 9  G A "O4'"  1 
ATOM 262 C "C3'"  . G A 1 9  ? -5.211  3.552   5.431   1.00 0.46 ? 9  G A "C3'"  1 
ATOM 263 O "O3'"  . G A 1 9  ? -5.872  2.301   5.634   1.00 0.50 ? 9  G A "O3'"  1 
ATOM 264 C "C2'"  . G A 1 9  ? -3.928  3.254   4.671   1.00 0.41 ? 9  G A "C2'"  1 
ATOM 265 O "O2'"  . G A 1 9  ? -3.374  2.009   5.101   1.00 0.45 ? 9  G A "O2'"  1 
ATOM 266 C "C1'"  . G A 1 9  ? -4.432  3.147   3.233   1.00 0.38 ? 9  G A "C1'"  1 
ATOM 267 N N9     . G A 1 9  ? -3.431  3.563   2.223   1.00 0.36 ? 9  G A N9     1 
ATOM 268 C C8     . G A 1 9  ? -2.535  4.609   2.256   1.00 0.48 ? 9  G A C8     1 
ATOM 269 N N7     . G A 1 9  ? -1.808  4.709   1.180   1.00 0.46 ? 9  G A N7     1 
ATOM 270 C C5     . G A 1 9  ? -2.249  3.664   0.378   1.00 0.34 ? 9  G A C5     1 
ATOM 271 C C6     . G A 1 9  ? -1.825  3.272   -0.921  1.00 0.35 ? 9  G A C6     1 
ATOM 272 O O6     . G A 1 9  ? -0.959  3.783   -1.626  1.00 0.37 ? 9  G A O6     1 
ATOM 273 N N1     . G A 1 9  ? -2.527  2.167   -1.374  1.00 0.46 ? 9  G A N1     1 
ATOM 274 C C2     . G A 1 9  ? -3.515  1.516   -0.671  1.00 0.53 ? 9  G A C2     1 
ATOM 275 N N2     . G A 1 9  ? -4.095  0.472   -1.263  1.00 0.74 ? 9  G A N2     1 
ATOM 276 N N3     . G A 1 9  ? -3.919  1.875   0.548   1.00 0.44 ? 9  G A N3     1 
ATOM 277 C C4     . G A 1 9  ? -3.243  2.955   1.007   1.00 0.33 ? 9  G A C4     1 
ATOM 278 H "H5'"  . G A 1 9  ? -6.685  6.145   5.439   1.00 0.90 ? 9  G A "H5'"  1 
ATOM 279 H "H5''" . G A 1 9  ? -4.999  6.160   4.882   1.00 0.92 ? 9  G A "H5''" 1 
ATOM 280 H "H4'"  . G A 1 9  ? -7.099  4.019   4.495   1.00 0.50 ? 9  G A "H4'"  1 
ATOM 281 H "H3'"  . G A 1 9  ? -5.041  4.074   6.371   1.00 0.50 ? 9  G A "H3'"  1 
ATOM 282 H "H2'"  . G A 1 9  ? -3.214  4.061   4.787   1.00 0.42 ? 9  G A "H2'"  1 
ATOM 283 H "HO2'" . G A 1 9  ? -3.273  2.056   6.054   1.00 0.59 ? 9  G A "HO2'" 1 
ATOM 284 H "H1'"  . G A 1 9  ? -4.767  2.130   3.011   1.00 0.38 ? 9  G A "H1'"  1 
ATOM 285 H H8     . G A 1 9  ? -2.453  5.307   3.088   1.00 0.62 ? 9  G A H8     1 
ATOM 286 H H1     . G A 1 9  ? -2.291  1.818   -2.291  1.00 0.56 ? 9  G A H1     1 
ATOM 287 H H21    . G A 1 9  ? -3.858  0.233   -2.214  1.00 0.82 ? 9  G A H21    1 
ATOM 288 H H22    . G A 1 9  ? -4.777  -0.079  -0.760  1.00 0.83 ? 9  G A H22    1 
ATOM 289 P P      . C A 1 10 ? -5.477  1.356   6.876   1.00 0.58 ? 10 C A P      1 
ATOM 290 O OP1    . C A 1 10 ? -4.132  1.751   7.352   1.00 0.58 ? 10 C A OP1    1 
ATOM 291 O OP2    . C A 1 10 ? 1.746   4.461   -11.048 1.00 0.66 ? 10 C A OP2    1 
ATOM 292 O "O5'"  . C A 1 10 ? -5.363  -0.096  6.189   1.00 0.59 ? 10 C A "O5'"  1 
ATOM 293 C "C5'"  . C A 1 10 ? -6.518  -0.722  5.627   1.00 0.65 ? 10 C A "C5'"  1 
ATOM 294 C "C4'"  . C A 1 10 ? -6.139  -1.810  4.625   1.00 0.67 ? 10 C A "C4'"  1 
ATOM 295 O "O4'"  . C A 1 10 ? -5.840  -1.208  3.363   1.00 0.57 ? 10 C A "O4'"  1 
ATOM 296 C "C3'"  . C A 1 10 ? -4.878  -2.582  4.960   1.00 0.72 ? 10 C A "C3'"  1 
ATOM 297 O "O3'"  . C A 1 10 ? -5.264  -3.713  5.744   1.00 0.87 ? 10 C A "O3'"  1 
ATOM 298 C "C2'"  . C A 1 10 ? -4.435  -3.105  3.603   1.00 0.72 ? 10 C A "C2'"  1 
ATOM 299 O "O2'"  . C A 1 10 ? -5.166  -4.286  3.257   1.00 0.86 ? 10 C A "O2'"  1 
ATOM 300 C "C1'"  . C A 1 10 ? -4.815  -1.949  2.677   1.00 0.59 ? 10 C A "C1'"  1 
ATOM 301 N N1     . C A 1 10 ? -3.669  -1.044  2.422   1.00 0.50 ? 10 C A N1     1 
ATOM 302 C C2     . C A 1 10 ? -2.939  -1.220  1.251   1.00 0.52 ? 10 C A C2     1 
ATOM 303 O O2     . C A 1 10 ? -3.248  -2.107  0.459   1.00 0.60 ? 10 C A O2     1 
ATOM 304 N N3     . C A 1 10 ? -1.881  -0.400  1.011   1.00 0.49 ? 10 C A N3     1 
ATOM 305 C C4     . C A 1 10 ? -1.543  0.554   1.885   1.00 0.45 ? 10 C A C4     1 
ATOM 306 N N4     . C A 1 10 ? -0.510  1.337   1.584   1.00 0.49 ? 10 C A N4     1 
ATOM 307 C C5     . C A 1 10 ? -2.282  0.738   3.093   1.00 0.44 ? 10 C A C5     1 
ATOM 308 C C6     . C A 1 10 ? -3.333  -0.072  3.320   1.00 0.46 ? 10 C A C6     1 
ATOM 309 H "H5'"  . C A 1 10 ? -7.119  0.032   5.120   1.00 0.62 ? 10 C A "H5'"  1 
ATOM 310 H "H5''" . C A 1 10 ? -7.108  -1.166  6.429   1.00 0.74 ? 10 C A "H5''" 1 
ATOM 311 H "H4'"  . C A 1 10 ? -6.983  -2.490  4.503   1.00 0.75 ? 10 C A "H4'"  1 
ATOM 312 H "H3'"  . C A 1 10 ? -4.121  -1.979  5.461   1.00 0.68 ? 10 C A "H3'"  1 
ATOM 313 H "H2'"  . C A 1 10 ? -3.361  -3.286  3.585   1.00 0.73 ? 10 C A "H2'"  1 
ATOM 314 H "HO2'" . C A 1 10 ? -5.958  -4.300  3.798   1.00 1.23 ? 10 C A "HO2'" 1 
ATOM 315 H "H1'"  . C A 1 10 ? -5.215  -2.322  1.732   1.00 0.62 ? 10 C A "H1'"  1 
ATOM 316 H H41    . C A 1 10 ? -0.047  1.241   0.689   1.00 0.52 ? 10 C A H41    1 
ATOM 317 H H42    . C A 1 10 ? -0.188  2.027   2.248   1.00 0.51 ? 10 C A H42    1 
ATOM 318 H H5     . C A 1 10 ? -1.994  1.489   3.827   1.00 0.46 ? 10 C A H5     1 
ATOM 319 H H6     . C A 1 10 ? -3.934  0.064   4.222   1.00 0.49 ? 10 C A H6     1 
ATOM 320 P P      . A A 1 11 ? -4.162  -4.539  6.579   1.00 1.01 ? 11 A A P      1 
ATOM 321 O OP1    . A A 1 11 ? -4.701  -5.892  6.844   1.00 1.21 ? 11 A A OP1    1 
ATOM 322 O OP2    . A A 1 11 ? -3.704  -3.694  7.704   1.00 1.00 ? 11 A A OP2    1 
ATOM 323 O "O5'"  . A A 1 11 ? -2.951  -4.675  5.524   1.00 0.98 ? 11 A A "O5'"  1 
ATOM 324 C "C5'"  . A A 1 11 ? -2.901  -5.785  4.624   1.00 1.06 ? 11 A A "C5'"  1 
ATOM 325 C "C4'"  . A A 1 11 ? -1.501  -5.990  4.052   1.00 1.00 ? 11 A A "C4'"  1 
ATOM 326 O "O4'"  . A A 1 11 ? -1.295  -5.101  2.953   1.00 0.91 ? 11 A A "O4'"  1 
ATOM 327 C "C3'"  . A A 1 11 ? -0.361  -5.658  4.994   1.00 0.95 ? 11 A A "C3'"  1 
ATOM 328 O "O3'"  . A A 1 11 ? -0.040  -6.853  5.712   1.00 1.06 ? 11 A A "O3'"  1 
ATOM 329 C "C2'"  . A A 1 11 ? 0.798   -5.386  4.046   1.00 0.89 ? 11 A A "C2'"  1 
ATOM 330 O "O2'"  . A A 1 11 ? 1.470   -6.603  3.708   1.00 0.98 ? 11 A A "O2'"  1 
ATOM 331 C "C1'"  . A A 1 11 ? 0.102   -4.795  2.818   1.00 0.84 ? 11 A A "C1'"  1 
ATOM 332 N N9     . A A 1 11 ? 0.293   -3.336  2.741   1.00 0.72 ? 11 A A N9     1 
ATOM 333 C C8     . A A 1 11 ? -0.229  -2.356  3.546   1.00 0.68 ? 11 A A C8     1 
ATOM 334 N N7     . A A 1 11 ? 0.215   -1.160  3.268   1.00 0.61 ? 11 A A N7     1 
ATOM 335 C C5     . A A 1 11 ? 1.086   -1.368  2.203   1.00 0.60 ? 11 A A C5     1 
ATOM 336 C C6     . A A 1 11 ? 1.886   -0.500  1.441   1.00 0.59 ? 11 A A C6     1 
ATOM 337 N N6     . A A 1 11 ? 1.969   0.811   1.662   1.00 0.59 ? 11 A A N6     1 
ATOM 338 N N1     . A A 1 11 ? 2.626   -1.034  0.457   1.00 0.63 ? 11 A A N1     1 
ATOM 339 C C2     . A A 1 11 ? 2.574   -2.344  0.248   1.00 0.68 ? 11 A A C2     1 
ATOM 340 N N3     . A A 1 11 ? 1.870   -3.261  0.891   1.00 0.71 ? 11 A A N3     1 
ATOM 341 C C4     . A A 1 11 ? 1.137   -2.690  1.872   1.00 0.67 ? 11 A A C4     1 
ATOM 342 H "H5'"  . A A 1 11 ? -3.597  -5.609  3.804   1.00 1.09 ? 11 A A "H5'"  1 
ATOM 343 H "H5''" . A A 1 11 ? -3.202  -6.687  5.157   1.00 1.16 ? 11 A A "H5''" 1 
ATOM 344 H "H4'"  . A A 1 11 ? -1.413  -7.016  3.694   1.00 1.09 ? 11 A A "H4'"  1 
ATOM 345 H "H3'"  . A A 1 11 ? -0.578  -4.826  5.663   1.00 0.91 ? 11 A A "H3'"  1 
ATOM 346 H "H2'"  . A A 1 11 ? 1.486   -4.661  4.480   1.00 0.85 ? 11 A A "H2'"  1 
ATOM 347 H "HO2'" . A A 1 11 ? 2.403   -6.399  3.619   1.00 0.97 ? 11 A A "HO2'" 1 
ATOM 348 H "H1'"  . A A 1 11 ? 0.479   -5.253  1.903   1.00 0.88 ? 11 A A "H1'"  1 
ATOM 349 H H8     . A A 1 11 ? -0.943  -2.557  4.344   1.00 0.73 ? 11 A A H8     1 
ATOM 350 H H61    . A A 1 11 ? 2.620   1.371   1.133   1.00 0.62 ? 11 A A H61    1 
ATOM 351 H H62    . A A 1 11 ? 1.382   1.243   2.361   1.00 0.59 ? 11 A A H62    1 
ATOM 352 H H2     . A A 1 11 ? 3.196   -2.715  -0.566  1.00 0.73 ? 11 A A H2     1 
ATOM 353 P P      . C A 1 12 ? 1.067   -6.831  6.883   1.00 1.09 ? 12 C A P      1 
ATOM 354 O OP1    . C A 1 12 ? 1.140   -8.186  7.476   1.00 1.23 ? 12 C A OP1    1 
ATOM 355 O OP2    . C A 1 12 ? 0.805   -5.659  7.748   1.00 1.05 ? 12 C A OP2    1 
ATOM 356 O "O5'"  . C A 1 12 ? 2.434   -6.563  6.071   1.00 1.03 ? 12 C A "O5'"  1 
ATOM 357 C "C5'"  . C A 1 12 ? 3.228   -7.660  5.613   1.00 1.09 ? 12 C A "C5'"  1 
ATOM 358 C "C4'"  . C A 1 12 ? 4.354   -7.198  4.689   1.00 1.04 ? 12 C A "C4'"  1 
ATOM 359 O "O4'"  . C A 1 12 ? 3.886   -6.140  3.852   1.00 0.92 ? 12 C A "O4'"  1 
ATOM 360 C "C3'"  . C A 1 12 ? 5.551   -6.586  5.388   1.00 1.05 ? 12 C A "C3'"  1 
ATOM 361 O "O3'"  . C A 1 12 ? 6.454   -7.651  5.694   1.00 1.17 ? 12 C A "O3'"  1 
ATOM 362 C "C2'"  . C A 1 12 ? 6.190   -5.755  4.287   1.00 0.98 ? 12 C A "C2'"  1 
ATOM 363 O "O2'"  . C A 1 12 ? 7.020   -6.575  3.461   1.00 1.05 ? 12 C A "O2'"  1 
ATOM 364 C "C1'"  . C A 1 12 ? 4.971   -5.262  3.500   1.00 0.88 ? 12 C A "C1'"  1 
ATOM 365 N N1     . C A 1 12 ? 4.595   -3.875  3.870   1.00 0.80 ? 12 C A N1     1 
ATOM 366 C C2     . C A 1 12 ? 5.005   -2.835  3.040   1.00 0.76 ? 12 C A C2     1 
ATOM 367 O O2     . C A 1 12 ? 5.666   -3.074  2.030   1.00 0.79 ? 12 C A O2     1 
ATOM 368 N N3     . C A 1 12 ? 4.662   -1.560  3.370   1.00 0.72 ? 12 C A N3     1 
ATOM 369 C C4     . C A 1 12 ? 3.945   -1.309  4.474   1.00 0.72 ? 12 C A C4     1 
ATOM 370 N N4     . C A 1 12 ? 3.638   -0.040  4.742   1.00 0.71 ? 12 C A N4     1 
ATOM 371 C C5     . C A 1 12 ? 3.523   -2.371  5.333   1.00 0.75 ? 12 C A C5     1 
ATOM 372 C C6     . C A 1 12 ? 3.866   -3.628  4.995   1.00 0.79 ? 12 C A C6     1 
ATOM 373 H "H5'"  . C A 1 12 ? 2.588   -8.358  5.073   1.00 1.12 ? 12 C A "H5'"  1 
ATOM 374 H "H5''" . C A 1 12 ? 3.662   -8.168  6.475   1.00 1.19 ? 12 C A "H5''" 1 
ATOM 375 H "H4'"  . C A 1 12 ? 4.665   -8.036  4.063   1.00 1.10 ? 12 C A "H4'"  1 
ATOM 376 H "H3'"  . C A 1 12 ? 5.288   -6.007  6.273   1.00 1.04 ? 12 C A "H3'"  1 
ATOM 377 H "H2'"  . C A 1 12 ? 6.752   -4.920  4.701   1.00 0.99 ? 12 C A "H2'"  1 
ATOM 378 H "HO2'" . C A 1 12 ? 7.414   -7.242  4.027   1.00 1.28 ? 12 C A "HO2'" 1 
ATOM 379 H "H1'"  . C A 1 12 ? 5.149   -5.330  2.425   1.00 0.87 ? 12 C A "H1'"  1 
ATOM 380 H H41    . C A 1 12 ? 3.934   0.695   4.116   1.00 0.71 ? 12 C A H41    1 
ATOM 381 H H42    . C A 1 12 ? 3.107   0.187   5.572   1.00 0.72 ? 12 C A H42    1 
ATOM 382 H H5     . C A 1 12 ? 2.941   -2.178  6.234   1.00 0.77 ? 12 C A H5     1 
ATOM 383 H H6     . C A 1 12 ? 3.561   -4.460  5.631   1.00 0.84 ? 12 C A H6     1 
ATOM 384 P P      . C A 1 13 ? 7.495   -7.512  6.915   1.00 1.25 ? 13 C A P      1 
ATOM 385 O OP1    . C A 1 13 ? 8.379   -8.700  6.905   1.00 1.39 ? 13 C A OP1    1 
ATOM 386 O OP2    . C A 1 13 ? 6.733   -7.169  8.136   1.00 1.21 ? 13 C A OP2    1 
ATOM 387 O "O5'"  . C A 1 13 ? 8.369   -6.229  6.488   1.00 1.24 ? 13 C A "O5'"  1 
ATOM 388 C "C5'"  . C A 1 13 ? 9.504   -6.379  5.631   1.00 1.28 ? 13 C A "C5'"  1 
ATOM 389 C "C4'"  . C A 1 13 ? 9.893   -5.055  4.977   1.00 1.24 ? 13 C A "C4'"  1 
ATOM 390 O "O4'"  . C A 1 13 ? 8.718   -4.330  4.644   1.00 1.10 ? 13 C A "O4'"  1 
ATOM 391 C "C3'"  . C A 1 13 ? 10.652  -4.094  5.874   1.00 1.31 ? 13 C A "C3'"  1 
ATOM 392 O "O3'"  . C A 1 13 ? -6.224  -11.047 -3.308  1.00 1.45 ? 13 C A "O3'"  1 
ATOM 393 C "C2'"  . C A 1 13 ? 10.414  -2.756  5.171   1.00 1.24 ? 13 C A "C2'"  1 
ATOM 394 O "O2'"  . C A 1 13 ? -5.679  -8.742  -4.432  1.00 1.30 ? 13 C A "O2'"  1 
ATOM 395 C "C1'"  . C A 1 13 ? 9.035   -2.939  4.519   1.00 1.09 ? 13 C A "C1'"  1 
ATOM 396 N N1     . C A 1 13 ? 7.984   -2.151  5.202   1.00 1.02 ? 13 C A N1     1 
ATOM 397 C C2     . C A 1 13 ? 7.757   -0.853  4.766   1.00 0.98 ? 13 C A C2     1 
ATOM 398 O O2     . C A 1 13 ? 8.414   -0.391  3.836   1.00 0.99 ? 13 C A O2     1 
ATOM 399 N N3     . C A 1 13 ? 6.797   -0.112  5.386   1.00 0.95 ? 13 C A N3     1 
ATOM 400 C C4     . C A 1 13 ? 6.085   -0.627  6.398   1.00 0.94 ? 13 C A C4     1 
ATOM 401 N N4     . C A 1 13 ? 5.159   0.147   6.964   1.00 0.93 ? 13 C A N4     1 
ATOM 402 C C5     . C A 1 13 ? 6.313   -1.963  6.853   1.00 0.98 ? 13 C A C5     1 
ATOM 403 C C6     . C A 1 13 ? 7.266   -2.685  6.233   1.00 1.02 ? 13 C A C6     1 
ATOM 404 H "H5'"  . C A 1 13 ? 9.268   -7.105  4.853   1.00 1.25 ? 13 C A "H5'"  1 
ATOM 405 H "H5''" . C A 1 13 ? 10.346  -6.747  6.218   1.00 1.40 ? 13 C A "H5''" 1 
ATOM 406 H "H4'"  . C A 1 13 ? 10.457  -5.257  4.067   1.00 1.27 ? 13 C A "H4'"  1 
ATOM 407 H "H3'"  . C A 1 13 ? 10.238  -4.087  6.881   1.00 1.31 ? 13 C A "H3'"  1 
ATOM 408 H "HO3'" . C A 1 13 ? -5.998  -10.746 -4.191  1.00 1.59 ? 13 C A "HO3'" 1 
ATOM 409 H "HO2'" . C A 1 13 ? 11.269  -3.186  3.477   1.00 1.32 ? 13 C A "HO2'" 1 
ATOM 410 H "H1'"  . C A 1 13 ? 9.068   -2.675  3.460   1.00 1.05 ? 13 C A "H1'"  1 
ATOM 411 H H41    . C A 1 13 ? 5.004   1.084   6.621   1.00 0.94 ? 13 C A H41    1 
ATOM 412 H H42    . C A 1 13 ? 4.610   -0.204  7.736   1.00 0.94 ? 13 C A H42    1 
ATOM 413 H H5     . C A 1 13 ? 5.739   -2.392  7.674   1.00 0.99 ? 13 C A H5     1 
ATOM 414 H H6     . C A 1 13 ? 7.467   -3.705  6.559   1.00 1.08 ? 13 C A H6     1 
ATOM 415 H "H2''" . C A 1 13 ? -6.793  -8.179  -2.761  1.00 1.27 ? 13 C A "H2''" 1 
# 
